data_5T9Y
#
_entry.id   5T9Y
#
_cell.length_a   142.419
_cell.length_b   93.289
_cell.length_c   96.722
_cell.angle_alpha   90.00
_cell.angle_beta   122.01
_cell.angle_gamma   90.00
#
_symmetry.space_group_name_H-M   'C 1 2 1'
#
loop_
_entity.id
_entity.type
_entity.pdbx_description
1 polymer 'HE protein'
2 non-polymer 'MAGNESIUM ION'
3 non-polymer GLYCEROL
4 non-polymer 'FORMIC ACID'
5 non-polymer 'POLYETHYLENE GLYCOL (N=34)'
6 water water
#
_entity_poly.entity_id   1
_entity_poly.type   'polypeptide(L)'
_entity_poly.pdbx_seq_one_letter_code
;RLCLRNYPDTTWIGDSRSDQSRVNPQSLDLVTEFKGVLQAKNGNGLLKQMSGRFPSDWYTPTTKYRILYLGTNDCTDGPT
DMIIPTSMTLDNAARELYLGACRGDVRVTPTFVGAAIVGLVGRTDAVTGFSVKVLTFSSPTIVVVGLNGMSGIYKVCIAA
TSGNVGGVKLINGCGYFNTPLRFDNFQGQIYVSDTFEVRGTKNKCVLLRSSSDTPLCSHIMRNVELDEYVDTPNTGGVYP
SDGFDSLHGSASVRTFLTDALTCPDIDWSRIDAASCEYDSCPKMVKDFDQTSLGNTDTLIMREVALHKEMISKLQRDITD
VKIRVDAIPPQLNQTMGRLVPR
;
_entity_poly.pdbx_strand_id   A,B,C
#
loop_
_chem_comp.id
_chem_comp.type
_chem_comp.name
_chem_comp.formula
15P non-polymer 'POLYETHYLENE GLYCOL (N=34)' 'C69 H140 O35'
FMT non-polymer 'FORMIC ACID' 'C H2 O2'
GOL non-polymer GLYCEROL 'C3 H8 O3'
MG non-polymer 'MAGNESIUM ION' 'Mg 2'
#
# COMPACT_ATOMS: atom_id res chain seq x y z
N ARG A 1 11.58 5.32 29.04
CA ARG A 1 12.17 4.47 27.96
C ARG A 1 11.32 4.60 26.73
N LEU A 2 11.91 5.13 25.67
CA LEU A 2 11.20 5.26 24.40
C LEU A 2 11.05 3.90 23.73
N CYS A 3 9.83 3.60 23.29
CA CYS A 3 9.55 2.42 22.47
C CYS A 3 9.01 2.89 21.13
N LEU A 4 9.73 2.57 20.06
CA LEU A 4 9.31 2.85 18.70
C LEU A 4 8.51 1.68 18.15
N ARG A 5 7.45 1.99 17.39
CA ARG A 5 6.57 0.97 16.83
C ARG A 5 7.31 0.08 15.85
N ASN A 6 7.53 -1.18 16.20
CA ASN A 6 8.29 -2.13 15.39
C ASN A 6 7.29 -3.19 14.97
N TYR A 7 6.65 -2.97 13.81
CA TYR A 7 5.44 -3.68 13.47
C TYR A 7 5.20 -3.57 11.96
N PRO A 8 4.53 -4.54 11.33
CA PRO A 8 4.39 -4.52 9.85
C PRO A 8 3.58 -3.37 9.26
N ASP A 9 2.85 -2.62 10.07
CA ASP A 9 2.08 -1.47 9.60
C ASP A 9 2.86 -0.17 9.70
N THR A 10 4.18 -0.25 9.78
CA THR A 10 5.06 0.90 9.96
C THR A 10 6.12 0.89 8.87
N THR A 11 6.41 2.07 8.31
CA THR A 11 7.46 2.20 7.30
C THR A 11 8.60 3.06 7.87
N TRP A 12 9.82 2.52 7.81
CA TRP A 12 11.04 3.21 8.22
C TRP A 12 11.60 3.93 7.01
N ILE A 13 11.71 5.24 7.11
CA ILE A 13 12.08 6.11 6.00
C ILE A 13 13.47 6.67 6.33
N GLY A 14 14.48 6.22 5.59
CA GLY A 14 15.85 6.57 5.92
C GLY A 14 16.82 6.79 4.77
N ASP A 15 18.09 6.92 5.15
CA ASP A 15 19.19 7.17 4.22
C ASP A 15 20.21 6.06 4.39
N SER A 16 21.50 6.33 4.11
CA SER A 16 22.50 5.27 4.16
C SER A 16 22.55 4.59 5.51
N ARG A 17 22.29 5.34 6.60
CA ARG A 17 22.40 4.80 7.94
C ARG A 17 21.35 3.76 8.24
N SER A 18 20.33 3.67 7.42
CA SER A 18 19.30 2.66 7.56
C SER A 18 19.19 1.73 6.36
N ASP A 19 20.07 1.85 5.36
CA ASP A 19 19.96 1.12 4.09
C ASP A 19 20.61 -0.25 4.25
N GLN A 20 19.94 -1.09 5.04
CA GLN A 20 20.45 -2.39 5.41
C GLN A 20 20.74 -3.28 4.21
N SER A 21 19.98 -3.11 3.12
CA SER A 21 20.13 -3.97 1.97
C SER A 21 21.39 -3.69 1.19
N ARG A 22 21.85 -2.44 1.18
CA ARG A 22 22.80 -1.97 0.17
C ARG A 22 24.03 -1.26 0.72
N VAL A 23 24.13 -1.07 2.02
CA VAL A 23 25.23 -0.32 2.64
C VAL A 23 26.04 -1.24 3.53
N ASN A 24 27.36 -1.08 3.46
CA ASN A 24 28.28 -1.86 4.27
C ASN A 24 27.89 -1.77 5.74
N PRO A 25 27.86 -2.88 6.47
CA PRO A 25 27.36 -2.84 7.86
C PRO A 25 28.09 -1.87 8.78
N GLN A 26 29.37 -1.59 8.56
CA GLN A 26 30.05 -0.67 9.45
C GLN A 26 29.45 0.75 9.39
N SER A 27 28.79 1.10 8.31
CA SER A 27 28.18 2.43 8.16
C SER A 27 26.70 2.47 8.53
N LEU A 28 26.10 1.38 9.00
CA LEU A 28 24.71 1.39 9.41
C LEU A 28 24.56 1.88 10.85
N ASP A 29 23.47 2.60 11.11
CA ASP A 29 23.01 2.89 12.45
C ASP A 29 21.82 2.02 12.86
N LEU A 30 21.01 1.63 11.90
CA LEU A 30 19.90 0.70 12.12
C LEU A 30 20.46 -0.70 11.90
N VAL A 31 20.81 -1.36 12.99
CA VAL A 31 21.45 -2.66 12.96
C VAL A 31 20.60 -3.72 13.63
N THR A 32 19.33 -3.43 13.85
CA THR A 32 18.39 -4.42 14.35
C THR A 32 17.33 -4.63 13.29
N GLU A 33 16.73 -5.82 13.28
CA GLU A 33 15.72 -6.12 12.27
C GLU A 33 14.48 -5.27 12.50
N PHE A 34 14.00 -4.62 11.44
CA PHE A 34 12.79 -3.83 11.49
C PHE A 34 11.64 -4.65 10.93
N LYS A 35 10.60 -4.89 11.74
CA LYS A 35 9.50 -5.77 11.34
C LYS A 35 8.55 -5.13 10.33
N GLY A 36 8.65 -3.84 10.11
CA GLY A 36 7.88 -3.15 9.10
C GLY A 36 8.62 -3.03 7.80
N VAL A 37 8.15 -2.11 6.97
CA VAL A 37 8.70 -1.88 5.63
C VAL A 37 9.85 -0.89 5.73
N LEU A 38 10.99 -1.26 5.15
CA LEU A 38 12.18 -0.40 5.16
C LEU A 38 12.35 0.27 3.79
N GLN A 39 12.27 1.60 3.77
CA GLN A 39 12.56 2.42 2.58
C GLN A 39 13.72 3.35 2.93
N ALA A 40 14.95 2.90 2.67
CA ALA A 40 16.12 3.72 3.02
C ALA A 40 17.17 3.56 1.93
N LYS A 41 17.68 4.70 1.45
CA LYS A 41 18.61 4.73 0.34
C LYS A 41 19.81 5.63 0.64
N ASN A 42 21.00 5.07 0.48
CA ASN A 42 22.25 5.79 0.61
C ASN A 42 22.25 7.06 -0.23
N GLY A 43 22.48 8.20 0.43
CA GLY A 43 22.60 9.47 -0.24
C GLY A 43 21.31 10.24 -0.41
N ASN A 44 20.16 9.63 -0.11
CA ASN A 44 18.87 10.19 -0.45
C ASN A 44 18.28 11.00 0.70
N GLY A 45 17.18 11.68 0.41
CA GLY A 45 16.46 12.54 1.33
C GLY A 45 15.14 12.91 0.69
N LEU A 46 14.32 13.66 1.44
CA LEU A 46 12.99 13.97 0.87
C LEU A 46 13.09 15.05 -0.21
N LEU A 47 14.10 15.91 -0.15
CA LEU A 47 14.40 16.82 -1.25
CA LEU A 47 14.41 16.83 -1.24
C LEU A 47 15.29 16.15 -2.28
N LYS A 48 16.32 15.43 -1.84
CA LYS A 48 17.23 14.82 -2.80
C LYS A 48 16.53 13.79 -3.67
N GLN A 49 15.43 13.19 -3.21
CA GLN A 49 14.76 12.19 -4.04
C GLN A 49 14.25 12.81 -5.33
N MET A 50 14.11 14.13 -5.36
CA MET A 50 13.64 14.81 -6.57
C MET A 50 14.76 15.27 -7.48
N SER A 51 16.02 15.03 -7.12
CA SER A 51 17.14 15.59 -7.87
C SER A 51 17.36 14.86 -9.18
N GLY A 52 16.99 13.59 -9.26
CA GLY A 52 17.31 12.75 -10.39
C GLY A 52 18.51 11.86 -10.16
N ARG A 53 19.22 12.03 -9.04
CA ARG A 53 20.36 11.16 -8.78
C ARG A 53 19.96 9.72 -8.51
N PHE A 54 18.77 9.48 -7.97
CA PHE A 54 18.34 8.14 -7.55
C PHE A 54 16.99 7.88 -8.18
N PRO A 55 16.93 7.75 -9.50
CA PRO A 55 15.63 7.80 -10.20
C PRO A 55 14.65 6.72 -9.83
N SER A 56 15.09 5.63 -9.23
CA SER A 56 14.21 4.52 -8.87
C SER A 56 13.95 4.46 -7.38
N ASP A 57 14.44 5.42 -6.59
CA ASP A 57 14.43 5.30 -5.12
C ASP A 57 13.58 6.36 -4.44
N TRP A 58 12.47 6.75 -5.07
CA TRP A 58 11.54 7.66 -4.43
C TRP A 58 10.89 6.98 -3.23
N TYR A 59 10.60 7.78 -2.20
CA TYR A 59 9.92 7.28 -1.01
C TYR A 59 8.41 7.22 -1.23
N THR A 60 7.82 6.07 -0.94
CA THR A 60 6.40 5.83 -1.25
C THR A 60 5.75 5.04 -0.11
N PRO A 61 5.74 5.58 1.10
CA PRO A 61 5.08 4.85 2.20
C PRO A 61 3.59 4.72 1.92
N THR A 62 3.03 3.54 2.24
CA THR A 62 1.58 3.34 2.13
C THR A 62 0.98 2.86 3.44
N THR A 63 1.76 2.79 4.51
CA THR A 63 1.30 2.31 5.80
C THR A 63 0.76 3.48 6.65
N LYS A 64 -0.05 3.10 7.64
CA LYS A 64 -0.58 4.06 8.59
C LYS A 64 0.53 4.78 9.36
N TYR A 65 1.58 4.05 9.76
CA TYR A 65 2.63 4.59 10.61
C TYR A 65 3.97 4.68 9.87
N ARG A 66 4.78 5.66 10.29
CA ARG A 66 6.12 5.88 9.75
C ARG A 66 7.07 6.22 10.88
N ILE A 67 8.34 5.87 10.71
CA ILE A 67 9.42 6.43 11.50
C ILE A 67 10.44 6.99 10.53
N LEU A 68 10.77 8.28 10.69
CA LEU A 68 11.73 8.94 9.83
C LEU A 68 13.07 9.04 10.54
N TYR A 69 14.17 8.72 9.82
CA TYR A 69 15.52 9.00 10.31
C TYR A 69 16.34 9.48 9.09
N LEU A 70 16.09 10.73 8.68
CA LEU A 70 16.76 11.27 7.50
C LEU A 70 16.70 12.79 7.50
N GLY A 71 17.55 13.38 6.66
CA GLY A 71 17.61 14.82 6.53
C GLY A 71 19.01 15.34 6.28
N THR A 72 20.03 14.69 6.85
CA THR A 72 21.38 15.17 6.66
C THR A 72 21.69 15.38 5.17
N ASN A 73 21.21 14.50 4.29
CA ASN A 73 21.56 14.65 2.88
C ASN A 73 20.83 15.82 2.22
N ASP A 74 19.67 16.20 2.76
CA ASP A 74 18.93 17.32 2.22
C ASP A 74 19.63 18.65 2.48
N CYS A 75 20.66 18.67 3.30
CA CYS A 75 21.42 19.90 3.46
C CYS A 75 22.38 20.16 2.29
N THR A 76 22.44 19.26 1.29
CA THR A 76 23.20 19.60 0.09
C THR A 76 22.40 20.42 -0.91
N ASP A 77 21.08 20.54 -0.72
CA ASP A 77 20.31 21.54 -1.44
C ASP A 77 20.68 22.93 -0.92
N GLY A 78 20.79 23.88 -1.84
CA GLY A 78 21.21 25.22 -1.51
C GLY A 78 20.56 26.26 -2.39
N PRO A 79 21.17 27.44 -2.46
CA PRO A 79 20.56 28.55 -3.21
C PRO A 79 20.20 28.21 -4.64
N THR A 80 21.00 27.39 -5.32
CA THR A 80 20.70 27.07 -6.71
C THR A 80 19.49 26.14 -6.84
N ASP A 81 19.02 25.57 -5.74
CA ASP A 81 17.82 24.75 -5.75
C ASP A 81 16.54 25.54 -5.49
N MET A 82 16.64 26.84 -5.26
CA MET A 82 15.46 27.70 -5.14
C MET A 82 15.69 29.00 -5.90
N ILE A 83 16.40 28.94 -7.03
CA ILE A 83 16.79 30.16 -7.73
C ILE A 83 15.86 30.52 -8.88
N ILE A 84 15.11 29.56 -9.43
CA ILE A 84 14.14 29.91 -10.46
C ILE A 84 13.11 30.86 -9.87
N PRO A 85 12.83 32.01 -10.50
CA PRO A 85 11.85 32.93 -9.92
C PRO A 85 10.51 32.25 -9.69
N THR A 86 9.90 32.56 -8.53
CA THR A 86 8.63 32.06 -7.96
C THR A 86 8.77 30.66 -7.31
N SER A 87 9.94 30.05 -7.31
CA SER A 87 10.21 28.81 -6.59
CA SER A 87 10.10 28.79 -6.61
C SER A 87 9.86 28.96 -5.11
N MET A 88 9.43 27.88 -4.49
CA MET A 88 9.31 27.81 -3.04
C MET A 88 10.67 28.02 -2.38
N THR A 89 10.68 28.51 -1.15
CA THR A 89 11.91 28.43 -0.39
C THR A 89 12.19 27.00 0.01
N LEU A 90 13.47 26.72 0.27
CA LEU A 90 13.82 25.39 0.77
C LEU A 90 13.17 25.16 2.13
N ASP A 91 13.07 26.21 2.97
CA ASP A 91 12.37 26.04 4.25
C ASP A 91 10.95 25.52 4.03
N ASN A 92 10.21 26.15 3.09
CA ASN A 92 8.82 25.75 2.90
C ASN A 92 8.72 24.43 2.18
N ALA A 93 9.61 24.18 1.21
CA ALA A 93 9.59 22.89 0.51
C ALA A 93 9.86 21.75 1.47
N ALA A 94 10.91 21.88 2.29
CA ALA A 94 11.22 20.82 3.24
C ALA A 94 10.08 20.61 4.21
N ARG A 95 9.47 21.70 4.69
CA ARG A 95 8.37 21.55 5.65
C ARG A 95 7.25 20.73 5.06
N GLU A 96 6.85 21.03 3.82
CA GLU A 96 5.76 20.28 3.21
C GLU A 96 6.15 18.82 2.98
N LEU A 97 7.41 18.56 2.60
CA LEU A 97 7.83 17.21 2.30
C LEU A 97 7.92 16.36 3.57
N TYR A 98 8.49 16.93 4.66
CA TYR A 98 8.61 16.18 5.91
C TYR A 98 7.24 15.96 6.55
N LEU A 99 6.35 16.96 6.50
CA LEU A 99 4.97 16.73 6.93
C LEU A 99 4.31 15.64 6.09
N GLY A 100 4.55 15.64 4.79
CA GLY A 100 3.95 14.64 3.93
C GLY A 100 4.44 13.23 4.23
N ALA A 101 5.76 13.05 4.37
CA ALA A 101 6.26 11.72 4.70
C ALA A 101 5.78 11.27 6.06
N CYS A 102 5.67 12.22 7.00
CA CYS A 102 5.30 11.88 8.38
C CYS A 102 3.82 11.52 8.49
N ARG A 103 2.96 12.41 7.99
CA ARG A 103 1.54 12.36 8.22
C ARG A 103 0.73 12.04 6.98
N GLY A 104 1.33 12.08 5.80
CA GLY A 104 0.58 12.19 4.58
C GLY A 104 0.09 10.87 4.01
N ASP A 105 -1.04 10.97 3.32
CA ASP A 105 -1.46 10.00 2.33
C ASP A 105 -0.79 10.44 1.02
N VAL A 106 0.31 9.80 0.65
CA VAL A 106 1.18 10.29 -0.41
C VAL A 106 1.24 9.30 -1.58
N ARG A 107 1.60 9.83 -2.75
CA ARG A 107 1.87 9.08 -3.97
C ARG A 107 3.04 9.75 -4.68
N VAL A 108 3.71 9.03 -5.57
CA VAL A 108 4.70 9.62 -6.47
C VAL A 108 4.23 9.33 -7.89
N THR A 109 3.93 10.38 -8.65
CA THR A 109 3.29 10.25 -9.95
C THR A 109 3.98 11.15 -10.96
N PRO A 110 3.75 10.91 -12.25
CA PRO A 110 4.34 11.78 -13.28
C PRO A 110 3.77 13.19 -13.20
N THR A 111 4.63 14.18 -13.46
CA THR A 111 4.23 15.58 -13.53
C THR A 111 3.90 15.97 -14.96
N PHE A 112 2.78 16.62 -15.18
CA PHE A 112 2.42 17.08 -16.52
C PHE A 112 3.42 18.11 -17.02
N VAL A 113 3.86 17.95 -18.28
CA VAL A 113 4.61 18.97 -19.00
C VAL A 113 4.02 19.10 -20.40
N GLY A 114 3.70 20.31 -20.81
CA GLY A 114 3.24 20.58 -22.15
C GLY A 114 3.81 21.86 -22.67
N ALA A 115 3.42 22.21 -23.90
CA ALA A 115 4.01 23.37 -24.57
C ALA A 115 3.23 23.65 -25.85
N ALA A 116 3.50 24.85 -26.41
CA ALA A 116 2.90 25.25 -27.68
C ALA A 116 3.55 24.58 -28.88
N ILE A 117 4.70 23.92 -28.70
CA ILE A 117 5.39 23.15 -29.72
C ILE A 117 5.70 21.78 -29.13
N VAL A 118 6.12 20.86 -29.98
CA VAL A 118 6.46 19.52 -29.52
C VAL A 118 7.84 19.58 -28.85
N GLY A 119 7.91 19.21 -27.58
CA GLY A 119 9.20 19.16 -26.94
C GLY A 119 9.92 17.88 -27.33
N LEU A 120 11.23 18.00 -27.58
CA LEU A 120 12.05 16.84 -27.91
C LEU A 120 12.48 16.14 -26.63
N VAL A 121 12.06 14.90 -26.46
CA VAL A 121 12.37 14.13 -25.27
C VAL A 121 13.72 13.48 -25.41
N GLY A 122 14.59 13.72 -24.43
CA GLY A 122 15.89 13.10 -24.42
C GLY A 122 16.43 13.00 -23.00
N ARG A 123 17.70 12.63 -22.90
CA ARG A 123 18.38 12.63 -21.61
C ARG A 123 19.74 13.30 -21.77
N THR A 124 20.18 14.00 -20.73
CA THR A 124 21.43 14.73 -20.81
C THR A 124 21.94 14.98 -19.40
N ASP A 125 23.25 15.20 -19.30
CA ASP A 125 23.79 15.66 -18.03
CA ASP A 125 23.96 15.64 -18.09
C ASP A 125 24.07 17.16 -18.02
N ALA A 126 23.68 17.88 -19.08
CA ALA A 126 23.99 19.31 -19.19
C ALA A 126 23.21 20.20 -18.24
N VAL A 127 22.07 19.75 -17.73
CA VAL A 127 21.23 20.60 -16.89
C VAL A 127 21.64 20.53 -15.42
N THR A 128 21.91 19.32 -14.93
CA THR A 128 22.25 19.08 -13.53
C THR A 128 23.66 18.55 -13.30
N GLY A 129 24.38 18.14 -14.34
CA GLY A 129 25.65 17.46 -14.14
C GLY A 129 25.56 15.94 -14.11
N PHE A 130 24.35 15.38 -14.07
CA PHE A 130 24.14 13.94 -14.16
C PHE A 130 22.90 13.68 -14.98
N SER A 131 22.75 12.43 -15.43
CA SER A 131 21.82 12.11 -16.50
C SER A 131 20.40 12.11 -15.97
N VAL A 132 19.54 12.94 -16.59
CA VAL A 132 18.13 13.00 -16.29
C VAL A 132 17.37 13.18 -17.60
N LYS A 133 16.06 12.91 -17.53
CA LYS A 133 15.13 13.20 -18.62
C LYS A 133 14.97 14.71 -18.78
N VAL A 134 15.06 15.18 -20.02
CA VAL A 134 14.81 16.58 -20.32
C VAL A 134 13.92 16.67 -21.55
N LEU A 135 13.25 17.80 -21.67
CA LEU A 135 12.70 18.25 -22.93
C LEU A 135 13.59 19.36 -23.46
N THR A 136 13.85 19.35 -24.77
CA THR A 136 14.57 20.41 -25.45
C THR A 136 13.61 21.19 -26.33
N PHE A 137 13.61 22.51 -26.18
CA PHE A 137 12.81 23.43 -26.97
C PHE A 137 13.76 24.35 -27.74
N SER A 138 13.79 24.20 -29.08
CA SER A 138 14.73 24.93 -29.91
CA SER A 138 14.71 24.90 -29.96
C SER A 138 14.12 26.18 -30.53
N SER A 139 12.86 26.48 -30.22
CA SER A 139 12.20 27.71 -30.61
CA SER A 139 12.20 27.71 -30.60
C SER A 139 11.60 28.34 -29.35
N PRO A 140 11.63 29.66 -29.21
CA PRO A 140 11.04 30.28 -28.02
C PRO A 140 9.55 29.98 -27.97
N THR A 141 9.08 29.43 -26.83
CA THR A 141 7.71 28.92 -26.79
C THR A 141 7.13 29.01 -25.39
N ILE A 142 5.86 28.70 -25.28
CA ILE A 142 5.18 28.58 -24.00
C ILE A 142 5.37 27.17 -23.50
N VAL A 143 5.83 27.03 -22.26
CA VAL A 143 5.99 25.74 -21.58
C VAL A 143 5.15 25.77 -20.33
N VAL A 144 4.37 24.72 -20.10
CA VAL A 144 3.49 24.64 -18.96
C VAL A 144 3.82 23.36 -18.17
N VAL A 145 3.83 23.47 -16.84
CA VAL A 145 4.22 22.38 -15.96
C VAL A 145 3.19 22.29 -14.84
N GLY A 146 2.82 21.06 -14.48
CA GLY A 146 1.82 20.88 -13.44
C GLY A 146 0.41 21.21 -13.92
N LEU A 147 -0.54 20.98 -13.00
CA LEU A 147 -1.95 21.14 -13.30
C LEU A 147 -2.69 21.87 -12.20
N ASN A 148 -3.65 22.69 -12.59
CA ASN A 148 -4.50 23.37 -11.62
C ASN A 148 -5.19 22.34 -10.74
N GLY A 149 -5.23 22.62 -9.44
CA GLY A 149 -5.83 21.71 -8.51
C GLY A 149 -4.90 20.66 -7.94
N MET A 150 -3.64 20.63 -8.36
CA MET A 150 -2.72 19.62 -7.86
C MET A 150 -2.40 19.85 -6.38
N SER A 151 -1.95 18.78 -5.74
CA SER A 151 -1.64 18.75 -4.30
C SER A 151 -0.35 17.97 -4.12
N GLY A 152 0.78 18.66 -4.22
CA GLY A 152 2.06 17.98 -4.14
C GLY A 152 3.18 18.91 -4.53
N ILE A 153 4.39 18.38 -4.49
CA ILE A 153 5.60 19.15 -4.79
C ILE A 153 6.40 18.45 -5.87
N TYR A 154 6.93 19.25 -6.80
CA TYR A 154 7.84 18.75 -7.82
C TYR A 154 9.01 19.74 -7.96
N LYS A 155 10.10 19.25 -8.57
CA LYS A 155 11.31 20.01 -8.81
C LYS A 155 11.48 20.26 -10.30
N VAL A 156 11.92 21.48 -10.65
CA VAL A 156 12.24 21.87 -12.02
C VAL A 156 13.68 22.34 -12.06
N CYS A 157 14.41 21.96 -13.10
CA CYS A 157 15.73 22.53 -13.37
C CYS A 157 15.78 22.95 -14.83
N ILE A 158 16.35 24.12 -15.10
CA ILE A 158 16.42 24.63 -16.46
C ILE A 158 17.83 25.03 -16.86
N ALA A 159 18.11 24.90 -18.15
CA ALA A 159 19.26 25.52 -18.82
C ALA A 159 18.67 26.21 -20.03
N ALA A 160 18.27 27.46 -19.86
CA ALA A 160 17.58 28.22 -20.89
C ALA A 160 18.46 29.31 -21.47
N THR A 161 18.26 29.62 -22.76
CA THR A 161 18.87 30.82 -23.32
C THR A 161 17.89 31.97 -23.39
N SER A 162 16.60 31.71 -23.19
CA SER A 162 15.63 32.79 -23.03
C SER A 162 14.43 32.25 -22.26
N GLY A 163 13.65 33.16 -21.71
CA GLY A 163 12.37 32.83 -21.11
C GLY A 163 12.09 33.66 -19.88
N ASN A 164 10.80 33.72 -19.49
CA ASN A 164 10.38 34.46 -18.32
C ASN A 164 9.22 33.72 -17.66
N VAL A 165 8.98 34.05 -16.39
CA VAL A 165 7.80 33.60 -15.66
C VAL A 165 7.04 34.85 -15.22
N GLY A 166 5.87 35.06 -15.79
CA GLY A 166 5.05 36.21 -15.49
C GLY A 166 5.75 37.52 -15.76
N GLY A 167 6.63 37.55 -16.77
CA GLY A 167 7.39 38.73 -17.09
C GLY A 167 8.74 38.85 -16.40
N VAL A 168 9.02 37.98 -15.43
CA VAL A 168 10.28 37.99 -14.70
C VAL A 168 11.28 37.09 -15.43
N LYS A 169 12.44 37.64 -15.78
CA LYS A 169 13.44 36.87 -16.50
C LYS A 169 13.86 35.64 -15.71
N LEU A 170 13.89 34.48 -16.39
CA LEU A 170 14.31 33.26 -15.75
C LEU A 170 15.79 33.29 -15.43
N ILE A 171 16.15 32.56 -14.38
CA ILE A 171 17.53 32.34 -13.95
C ILE A 171 17.81 30.85 -14.00
N ASN A 172 18.91 30.45 -14.61
CA ASN A 172 19.18 29.02 -14.71
C ASN A 172 19.55 28.45 -13.36
N GLY A 173 19.11 27.23 -13.14
CA GLY A 173 19.20 26.54 -11.87
C GLY A 173 17.90 25.79 -11.64
N CYS A 174 17.52 25.59 -10.37
CA CYS A 174 16.36 24.78 -10.04
C CYS A 174 15.39 25.53 -9.14
N GLY A 175 14.23 24.90 -8.95
CA GLY A 175 13.25 25.38 -7.99
C GLY A 175 12.27 24.27 -7.68
N TYR A 176 11.59 24.42 -6.54
CA TYR A 176 10.52 23.55 -6.09
C TYR A 176 9.19 24.26 -6.25
N PHE A 177 8.17 23.52 -6.66
CA PHE A 177 6.86 24.11 -6.95
C PHE A 177 5.77 23.21 -6.42
N ASN A 178 4.69 23.83 -5.95
CA ASN A 178 3.51 23.09 -5.52
C ASN A 178 2.25 23.62 -6.19
N THR A 179 2.40 24.29 -7.31
CA THR A 179 1.31 24.85 -8.10
C THR A 179 1.73 24.69 -9.55
N PRO A 180 0.79 24.81 -10.48
CA PRO A 180 1.17 24.84 -11.90
C PRO A 180 2.05 26.05 -12.20
N LEU A 181 2.88 25.88 -13.23
CA LEU A 181 3.88 26.83 -13.63
C LEU A 181 3.73 27.10 -15.12
N ARG A 182 4.10 28.32 -15.56
CA ARG A 182 4.12 28.63 -16.98
C ARG A 182 5.32 29.51 -17.28
N PHE A 183 6.12 29.07 -18.25
CA PHE A 183 7.22 29.86 -18.79
C PHE A 183 6.82 30.37 -20.18
N ASP A 184 7.09 31.65 -20.45
CA ASP A 184 6.86 32.25 -21.75
C ASP A 184 8.20 32.51 -22.44
N ASN A 185 8.19 32.39 -23.77
CA ASN A 185 9.38 32.66 -24.60
C ASN A 185 10.57 31.80 -24.17
N PHE A 186 10.27 30.58 -23.74
CA PHE A 186 11.28 29.65 -23.23
C PHE A 186 11.99 28.95 -24.37
N GLN A 187 13.31 28.87 -24.26
CA GLN A 187 14.15 28.19 -25.22
C GLN A 187 15.28 27.54 -24.45
N GLY A 188 15.48 26.23 -24.63
CA GLY A 188 16.53 25.51 -23.93
C GLY A 188 16.07 24.16 -23.45
N GLN A 189 16.63 23.69 -22.34
CA GLN A 189 16.33 22.37 -21.80
C GLN A 189 15.71 22.50 -20.42
N ILE A 190 14.75 21.62 -20.14
CA ILE A 190 14.03 21.62 -18.87
C ILE A 190 13.89 20.18 -18.37
N TYR A 191 14.25 19.98 -17.12
CA TYR A 191 14.02 18.78 -16.33
C TYR A 191 12.86 19.05 -15.37
N VAL A 192 11.93 18.11 -15.30
CA VAL A 192 10.82 18.15 -14.35
C VAL A 192 10.78 16.81 -13.63
N SER A 193 10.87 16.83 -12.31
CA SER A 193 10.77 15.59 -11.56
C SER A 193 9.32 15.13 -11.48
N ASP A 194 9.16 13.87 -11.03
CA ASP A 194 7.86 13.39 -10.60
C ASP A 194 7.34 14.26 -9.45
N THR A 195 6.04 14.16 -9.19
CA THR A 195 5.39 14.85 -8.11
C THR A 195 5.27 13.94 -6.88
N PHE A 196 5.69 14.45 -5.73
CA PHE A 196 5.42 13.85 -4.42
C PHE A 196 4.07 14.44 -3.99
N GLU A 197 3.00 13.68 -4.26
CA GLU A 197 1.64 14.10 -3.94
C GLU A 197 1.41 13.96 -2.45
N VAL A 198 0.83 14.98 -1.83
CA VAL A 198 0.48 14.96 -0.41
C VAL A 198 -0.98 15.36 -0.34
N ARG A 199 -1.84 14.42 0.03
CA ARG A 199 -3.28 14.63 0.06
C ARG A 199 -3.72 14.83 1.52
N GLY A 200 -4.50 13.91 2.10
CA GLY A 200 -4.81 13.99 3.50
C GLY A 200 -3.57 13.79 4.37
N THR A 201 -3.69 14.14 5.65
CA THR A 201 -2.53 14.10 6.54
C THR A 201 -2.89 13.52 7.92
N LYS A 202 -3.59 12.38 7.94
CA LYS A 202 -3.97 11.73 9.19
C LYS A 202 -3.24 10.41 9.44
N ASN A 203 -2.18 10.12 8.69
CA ASN A 203 -1.25 9.08 9.09
C ASN A 203 -0.32 9.65 10.17
N LYS A 204 0.51 8.80 10.79
CA LYS A 204 1.24 9.18 12.00
C LYS A 204 2.70 8.75 11.93
N CYS A 205 3.58 9.56 12.54
CA CYS A 205 4.99 9.20 12.54
C CYS A 205 5.69 9.66 13.82
N VAL A 206 6.91 9.15 13.96
CA VAL A 206 7.98 9.76 14.76
C VAL A 206 9.04 10.28 13.79
N LEU A 207 9.56 11.46 14.08
CA LEU A 207 10.63 12.05 13.27
C LEU A 207 11.87 12.09 14.13
N LEU A 208 12.80 11.16 13.89
CA LEU A 208 14.04 11.10 14.64
C LEU A 208 15.05 12.07 14.05
N ARG A 209 15.68 12.88 14.89
CA ARG A 209 16.71 13.80 14.42
C ARG A 209 17.75 13.07 13.55
N SER A 210 18.02 13.66 12.39
CA SER A 210 19.11 13.26 11.52
C SER A 210 20.17 14.35 11.62
N SER A 211 21.33 14.01 12.17
CA SER A 211 22.42 14.97 12.35
C SER A 211 23.41 14.88 11.19
N SER A 212 24.03 16.02 10.89
CA SER A 212 25.08 16.13 9.90
C SER A 212 26.41 16.22 10.64
N ASP A 213 27.50 16.31 9.90
CA ASP A 213 28.81 16.46 10.53
C ASP A 213 29.14 17.92 10.79
N THR A 214 28.33 18.84 10.28
CA THR A 214 28.36 20.26 10.64
C THR A 214 26.95 20.60 11.09
N PRO A 215 26.71 21.79 11.65
CA PRO A 215 25.36 22.15 12.08
C PRO A 215 24.40 22.11 10.91
N LEU A 216 23.16 21.73 11.20
CA LEU A 216 22.15 21.54 10.15
C LEU A 216 21.86 22.83 9.41
N CYS A 217 21.60 22.69 8.11
CA CYS A 217 21.06 23.78 7.31
C CYS A 217 19.72 24.19 7.88
N SER A 218 19.35 25.45 7.65
CA SER A 218 18.10 25.98 8.19
CA SER A 218 18.10 25.97 8.20
C SER A 218 16.89 25.11 7.84
N HIS A 219 16.81 24.63 6.58
CA HIS A 219 15.55 24.03 6.18
C HIS A 219 15.34 22.65 6.78
N ILE A 220 16.39 21.98 7.27
CA ILE A 220 16.23 20.73 8.01
C ILE A 220 16.27 20.98 9.53
N MET A 221 17.00 22.00 9.97
CA MET A 221 17.01 22.36 11.40
C MET A 221 15.59 22.62 11.89
N ARG A 222 14.75 23.21 11.05
CA ARG A 222 13.39 23.57 11.39
C ARG A 222 12.48 22.37 11.65
N ASN A 223 12.92 21.13 11.34
CA ASN A 223 12.09 19.98 11.66
C ASN A 223 11.92 19.82 13.17
N VAL A 224 12.75 20.51 13.97
CA VAL A 224 12.58 20.51 15.41
C VAL A 224 11.24 21.12 15.84
N GLU A 225 10.61 21.92 14.96
CA GLU A 225 9.35 22.56 15.30
C GLU A 225 8.15 21.62 15.20
N LEU A 226 8.34 20.43 14.63
CA LEU A 226 7.25 19.51 14.43
C LEU A 226 7.02 18.70 15.71
N ASP A 227 5.75 18.47 16.03
CA ASP A 227 5.40 17.77 17.26
C ASP A 227 6.06 16.40 17.33
N GLU A 228 6.30 15.76 16.18
CA GLU A 228 6.80 14.39 16.13
C GLU A 228 8.32 14.31 16.31
N TYR A 229 9.02 15.43 16.35
CA TYR A 229 10.48 15.42 16.46
C TYR A 229 10.93 14.77 17.77
N VAL A 230 11.92 13.88 17.67
CA VAL A 230 12.57 13.24 18.82
C VAL A 230 14.07 13.34 18.63
N ASP A 231 14.78 13.83 19.65
CA ASP A 231 16.22 13.99 19.60
C ASP A 231 16.91 12.63 19.51
N THR A 232 18.04 12.59 18.81
CA THR A 232 18.90 11.41 18.75
C THR A 232 20.31 11.79 19.18
N PRO A 233 21.14 10.83 19.58
CA PRO A 233 22.46 11.18 20.13
C PRO A 233 23.26 12.09 19.22
N ASN A 234 23.81 13.15 19.81
CA ASN A 234 24.58 14.12 19.05
C ASN A 234 25.53 14.85 20.00
N THR A 235 26.53 15.50 19.41
CA THR A 235 27.56 16.26 20.11
C THR A 235 27.45 17.70 19.61
N GLY A 236 26.83 18.55 20.41
CA GLY A 236 26.60 19.93 20.00
C GLY A 236 25.81 20.06 18.73
N GLY A 237 24.88 19.12 18.49
CA GLY A 237 24.06 19.16 17.31
C GLY A 237 24.63 18.41 16.13
N VAL A 238 25.88 17.95 16.20
CA VAL A 238 26.45 17.27 15.06
C VAL A 238 26.59 15.79 15.40
N TYR A 239 26.75 15.02 14.35
CA TYR A 239 26.79 13.58 14.47
C TYR A 239 27.91 13.17 15.43
N PRO A 240 27.69 12.20 16.31
CA PRO A 240 28.74 11.85 17.28
C PRO A 240 30.00 11.33 16.60
N SER A 241 31.10 11.45 17.32
CA SER A 241 32.43 11.07 16.85
C SER A 241 32.78 9.64 17.22
N ASP A 242 31.77 8.79 17.41
CA ASP A 242 31.97 7.41 17.83
C ASP A 242 31.59 6.40 16.75
N GLY A 243 31.67 6.79 15.48
CA GLY A 243 31.27 5.95 14.39
C GLY A 243 32.42 5.50 13.51
N PHE A 244 32.05 4.82 12.43
CA PHE A 244 33.01 4.37 11.43
C PHE A 244 33.71 5.55 10.78
N ASP A 245 32.94 6.58 10.42
CA ASP A 245 33.50 7.85 9.97
C ASP A 245 32.67 8.98 10.57
N SER A 246 32.93 10.22 10.13
CA SER A 246 32.28 11.36 10.77
C SER A 246 30.77 11.39 10.57
N LEU A 247 30.20 10.53 9.69
CA LEU A 247 28.80 10.59 9.32
C LEU A 247 28.03 9.27 9.47
N HIS A 248 28.67 8.16 9.87
CA HIS A 248 27.99 6.86 9.84
C HIS A 248 28.47 5.93 10.97
N GLY A 249 27.57 5.05 11.42
CA GLY A 249 27.95 3.93 12.24
C GLY A 249 28.17 4.26 13.70
N SER A 250 27.64 5.39 14.16
CA SER A 250 27.84 5.82 15.54
C SER A 250 27.41 4.74 16.52
N ALA A 251 28.32 4.38 17.44
CA ALA A 251 27.98 3.39 18.44
C ALA A 251 26.80 3.83 19.30
N SER A 252 26.76 5.11 19.69
CA SER A 252 25.70 5.58 20.58
C SER A 252 24.35 5.70 19.85
N VAL A 253 24.36 6.13 18.58
CA VAL A 253 23.09 6.13 17.82
C VAL A 253 22.58 4.70 17.68
N ARG A 254 23.47 3.77 17.37
CA ARG A 254 23.08 2.37 17.22
C ARG A 254 22.35 1.87 18.46
N THR A 255 22.94 2.11 19.63
CA THR A 255 22.34 1.63 20.87
C THR A 255 20.99 2.29 21.11
N PHE A 256 20.88 3.59 20.83
CA PHE A 256 19.63 4.31 20.98
C PHE A 256 18.52 3.68 20.15
N LEU A 257 18.81 3.39 18.87
CA LEU A 257 17.80 2.85 17.98
C LEU A 257 17.47 1.40 18.33
N THR A 258 18.48 0.59 18.63
CA THR A 258 18.22 -0.81 18.97
C THR A 258 17.40 -0.91 20.24
N ASP A 259 17.76 -0.14 21.26
CA ASP A 259 16.99 -0.17 22.51
C ASP A 259 15.52 0.20 22.25
N ALA A 260 15.29 1.25 21.45
CA ALA A 260 13.93 1.74 21.21
C ALA A 260 13.09 0.78 20.37
N LEU A 261 13.73 -0.10 19.61
CA LEU A 261 13.02 -1.02 18.72
C LEU A 261 12.86 -2.41 19.31
N THR A 262 13.39 -2.65 20.52
CA THR A 262 13.37 -3.97 21.13
C THR A 262 12.69 -3.96 22.50
N CYS A 263 11.78 -3.02 22.72
CA CYS A 263 10.97 -3.08 23.92
C CYS A 263 10.25 -4.42 23.95
N PRO A 264 10.30 -5.17 25.06
CA PRO A 264 9.71 -6.51 25.07
C PRO A 264 8.19 -6.50 25.26
N ASP A 265 7.53 -7.38 24.52
CA ASP A 265 6.14 -7.74 24.78
C ASP A 265 5.19 -6.56 24.68
N ILE A 266 5.40 -5.70 23.70
CA ILE A 266 4.48 -4.60 23.42
C ILE A 266 3.43 -5.09 22.44
N ASP A 267 2.15 -4.88 22.78
CA ASP A 267 1.06 -5.23 21.86
C ASP A 267 0.71 -3.98 21.04
N TRP A 268 1.47 -3.77 19.96
CA TRP A 268 1.27 -2.57 19.16
C TRP A 268 -0.14 -2.48 18.57
N SER A 269 -0.83 -3.62 18.45
CA SER A 269 -2.18 -3.58 17.88
C SER A 269 -3.16 -2.78 18.72
N ARG A 270 -2.85 -2.53 20.00
CA ARG A 270 -3.79 -1.87 20.90
C ARG A 270 -3.44 -0.41 21.14
N ILE A 271 -2.52 0.17 20.36
CA ILE A 271 -2.24 1.60 20.49
C ILE A 271 -2.15 2.22 19.11
N ASP A 272 -2.88 3.33 18.92
CA ASP A 272 -2.84 4.07 17.67
C ASP A 272 -1.76 5.15 17.77
N ALA A 273 -0.52 4.71 17.64
CA ALA A 273 0.62 5.62 17.76
C ALA A 273 1.86 4.94 17.23
N ALA A 274 2.82 5.75 16.75
CA ALA A 274 4.09 5.27 16.25
C ALA A 274 5.13 5.12 17.36
N SER A 275 4.79 5.44 18.60
CA SER A 275 5.68 5.21 19.73
C SER A 275 4.89 5.31 21.03
N CYS A 276 5.53 4.87 22.11
CA CYS A 276 5.00 5.05 23.46
C CYS A 276 6.14 4.90 24.44
N GLU A 277 5.92 5.43 25.65
CA GLU A 277 6.84 5.21 26.75
C GLU A 277 6.56 3.83 27.36
N TYR A 278 7.63 3.09 27.64
CA TYR A 278 7.51 1.66 27.94
C TYR A 278 6.45 1.39 29.01
N ASP A 279 6.50 2.11 30.13
CA ASP A 279 5.57 1.82 31.22
C ASP A 279 4.13 2.05 30.80
N SER A 280 3.91 2.97 29.86
CA SER A 280 2.58 3.28 29.35
C SER A 280 2.17 2.43 28.14
N CYS A 281 3.12 1.77 27.48
CA CYS A 281 2.80 0.96 26.31
C CYS A 281 1.85 -0.20 26.67
N PRO A 282 0.97 -0.60 25.76
CA PRO A 282 0.19 -1.81 26.00
C PRO A 282 1.08 -3.05 25.95
N LYS A 283 0.89 -3.94 26.91
CA LYS A 283 1.70 -5.15 27.04
C LYS A 283 0.90 -6.35 26.52
N MET A 284 1.62 -7.33 25.96
CA MET A 284 0.96 -8.55 25.52
C MET A 284 0.33 -9.24 26.73
N VAL A 285 -0.87 -9.77 26.53
CA VAL A 285 -1.53 -10.60 27.54
C VAL A 285 -1.03 -12.04 27.40
N LYS A 286 -0.83 -12.70 28.55
CA LYS A 286 -0.38 -14.08 28.62
C LYS A 286 -1.49 -14.95 29.17
N ASP A 287 -1.38 -16.26 28.91
CA ASP A 287 -2.34 -17.21 29.46
C ASP A 287 -2.33 -17.10 30.98
N PHE A 288 -3.51 -17.15 31.59
CA PHE A 288 -3.60 -17.10 33.04
C PHE A 288 -3.13 -18.42 33.64
N ASP A 289 -2.30 -18.32 34.68
CA ASP A 289 -1.77 -19.48 35.40
C ASP A 289 -2.60 -19.67 36.68
N GLN A 290 -3.37 -20.74 36.72
CA GLN A 290 -4.30 -20.96 37.83
C GLN A 290 -3.69 -21.83 38.91
N THR A 291 -2.38 -22.05 38.88
CA THR A 291 -1.79 -23.02 39.78
C THR A 291 -1.92 -22.60 41.24
N SER A 292 -1.75 -21.31 41.53
CA SER A 292 -1.86 -20.88 42.93
C SER A 292 -3.31 -20.97 43.41
N LEU A 293 -4.27 -20.67 42.53
CA LEU A 293 -5.67 -20.86 42.90
C LEU A 293 -5.98 -22.33 43.13
N GLY A 294 -5.38 -23.22 42.32
CA GLY A 294 -5.60 -24.63 42.51
C GLY A 294 -4.90 -25.17 43.76
N ASN A 295 -3.70 -24.67 44.06
CA ASN A 295 -3.04 -25.11 45.29
C ASN A 295 -3.87 -24.71 46.50
N THR A 296 -4.42 -23.50 46.49
CA THR A 296 -5.23 -23.05 47.63
C THR A 296 -6.45 -23.94 47.82
N ASP A 297 -7.15 -24.26 46.74
CA ASP A 297 -8.30 -25.16 46.81
C ASP A 297 -7.88 -26.51 47.39
N THR A 298 -6.79 -27.09 46.87
CA THR A 298 -6.40 -28.43 47.30
C THR A 298 -6.02 -28.46 48.77
N LEU A 299 -5.25 -27.48 49.21
CA LEU A 299 -4.87 -27.37 50.62
C LEU A 299 -6.11 -27.36 51.51
N ILE A 300 -7.09 -26.55 51.15
CA ILE A 300 -8.33 -26.45 51.92
C ILE A 300 -9.03 -27.81 51.96
N MET A 301 -9.14 -28.45 50.81
CA MET A 301 -9.84 -29.73 50.75
C MET A 301 -9.17 -30.77 51.66
N ARG A 302 -7.85 -30.78 51.72
CA ARG A 302 -7.16 -31.72 52.60
C ARG A 302 -7.51 -31.47 54.06
N GLU A 303 -7.56 -30.20 54.46
CA GLU A 303 -7.89 -29.87 55.83
C GLU A 303 -9.31 -30.25 56.16
N VAL A 304 -10.26 -29.86 55.32
CA VAL A 304 -11.66 -30.23 55.54
C VAL A 304 -11.81 -31.74 55.64
N ALA A 305 -10.93 -32.50 54.99
CA ALA A 305 -11.01 -33.96 55.07
C ALA A 305 -10.54 -34.46 56.44
N LEU A 306 -9.48 -33.87 56.98
CA LEU A 306 -9.08 -34.19 58.34
C LEU A 306 -10.20 -33.85 59.32
N HIS A 307 -10.94 -32.77 59.05
CA HIS A 307 -12.05 -32.40 59.94
C HIS A 307 -13.13 -33.47 59.92
N LYS A 308 -13.46 -34.00 58.74
CA LYS A 308 -14.39 -35.13 58.65
C LYS A 308 -13.95 -36.26 59.57
N GLU A 309 -12.68 -36.68 59.47
CA GLU A 309 -12.17 -37.76 60.32
C GLU A 309 -12.33 -37.44 61.80
N MET A 310 -11.91 -36.24 62.21
CA MET A 310 -11.89 -35.92 63.64
C MET A 310 -13.30 -35.67 64.18
N ILE A 311 -14.20 -35.14 63.36
CA ILE A 311 -15.59 -34.97 63.80
C ILE A 311 -16.21 -36.33 64.10
N SER A 312 -16.00 -37.29 63.20
CA SER A 312 -16.57 -38.63 63.39
C SER A 312 -16.05 -39.27 64.66
N LYS A 313 -14.76 -39.11 64.96
CA LYS A 313 -14.22 -39.62 66.22
C LYS A 313 -14.90 -38.93 67.40
N LEU A 314 -15.08 -37.62 67.33
CA LEU A 314 -15.85 -36.90 68.34
C LEU A 314 -17.29 -37.39 68.41
N GLN A 315 -18.04 -37.16 67.33
CA GLN A 315 -19.44 -37.57 67.25
C GLN A 315 -19.66 -38.97 67.83
N ARG A 316 -18.66 -39.83 67.72
CA ARG A 316 -18.69 -41.16 68.32
C ARG A 316 -18.20 -41.15 69.77
N ASP A 317 -17.09 -40.45 70.05
CA ASP A 317 -16.57 -40.40 71.41
C ASP A 317 -17.58 -39.84 72.40
N ILE A 318 -18.62 -39.15 71.93
CA ILE A 318 -19.66 -38.67 72.83
C ILE A 318 -20.78 -39.69 72.97
N THR A 319 -21.27 -40.23 71.86
CA THR A 319 -22.35 -41.21 71.92
C THR A 319 -21.98 -42.35 72.85
N ASP A 320 -20.70 -42.70 72.92
CA ASP A 320 -20.24 -43.64 73.93
C ASP A 320 -20.52 -43.09 75.33
N VAL A 321 -19.96 -41.93 75.64
CA VAL A 321 -20.05 -41.38 76.98
C VAL A 321 -21.29 -40.50 77.12
N ARG B 1 4.90 -29.64 10.32
CA ARG B 1 3.68 -29.11 9.74
C ARG B 1 3.88 -27.66 9.38
N LEU B 2 3.83 -27.37 8.08
CA LEU B 2 4.05 -26.01 7.60
C LEU B 2 2.81 -25.17 7.84
N CYS B 3 3.02 -23.97 8.40
CA CYS B 3 1.97 -22.96 8.50
C CYS B 3 2.39 -21.73 7.72
N LEU B 4 1.60 -21.36 6.70
CA LEU B 4 1.85 -20.15 5.93
C LEU B 4 1.09 -18.97 6.52
N ARG B 5 1.73 -17.81 6.52
CA ARG B 5 1.14 -16.60 7.09
C ARG B 5 -0.12 -16.22 6.34
N ASN B 6 -1.27 -16.32 7.00
CA ASN B 6 -2.58 -16.03 6.41
C ASN B 6 -3.13 -14.83 7.18
N TYR B 7 -2.83 -13.63 6.70
CA TYR B 7 -2.97 -12.44 7.53
C TYR B 7 -2.99 -11.21 6.63
N PRO B 8 -3.63 -10.10 7.06
CA PRO B 8 -3.79 -8.96 6.11
C PRO B 8 -2.49 -8.25 5.72
N ASP B 9 -1.37 -8.52 6.36
CA ASP B 9 -0.10 -7.90 6.00
C ASP B 9 0.69 -8.77 5.03
N THR B 10 0.03 -9.68 4.33
CA THR B 10 0.65 -10.62 3.43
C THR B 10 -0.03 -10.52 2.07
N THR B 11 0.76 -10.56 1.00
CA THR B 11 0.25 -10.57 -0.37
C THR B 11 0.55 -11.90 -1.02
N TRP B 12 -0.48 -12.55 -1.55
CA TRP B 12 -0.34 -13.79 -2.29
C TRP B 12 -0.20 -13.46 -3.75
N ILE B 13 0.92 -13.88 -4.34
CA ILE B 13 1.31 -13.50 -5.70
C ILE B 13 1.21 -14.76 -6.55
N GLY B 14 0.23 -14.80 -7.45
CA GLY B 14 -0.07 -16.05 -8.15
C GLY B 14 -0.47 -15.88 -9.59
N ASP B 15 -0.92 -17.00 -10.17
CA ASP B 15 -1.37 -17.06 -11.56
C ASP B 15 -2.79 -17.62 -11.59
N SER B 16 -3.21 -18.29 -12.67
CA SER B 16 -4.59 -18.74 -12.74
C SER B 16 -4.97 -19.63 -11.56
N ARG B 17 -4.02 -20.40 -11.03
CA ARG B 17 -4.34 -21.35 -9.95
C ARG B 17 -4.71 -20.66 -8.67
N SER B 18 -4.46 -19.36 -8.55
CA SER B 18 -4.81 -18.57 -7.38
C SER B 18 -5.75 -17.42 -7.72
N ASP B 19 -6.21 -17.32 -8.98
CA ASP B 19 -6.98 -16.17 -9.47
C ASP B 19 -8.45 -16.39 -9.15
N GLN B 20 -8.75 -16.33 -7.84
CA GLN B 20 -10.08 -16.67 -7.33
C GLN B 20 -11.18 -15.79 -7.90
N SER B 21 -10.85 -14.55 -8.26
CA SER B 21 -11.82 -13.57 -8.74
C SER B 21 -12.29 -13.87 -10.13
N ARG B 22 -11.43 -14.46 -10.97
CA ARG B 22 -11.62 -14.47 -12.42
C ARG B 22 -11.51 -15.86 -13.04
N VAL B 23 -11.22 -16.91 -12.27
CA VAL B 23 -11.03 -18.25 -12.81
C VAL B 23 -12.08 -19.19 -12.20
N ASN B 24 -12.63 -20.06 -13.03
CA ASN B 24 -13.60 -21.04 -12.56
C ASN B 24 -13.00 -21.87 -11.43
N PRO B 25 -13.74 -22.13 -10.35
CA PRO B 25 -13.14 -22.85 -9.21
C PRO B 25 -12.55 -24.19 -9.57
N GLN B 26 -13.01 -24.83 -10.65
CA GLN B 26 -12.49 -26.15 -10.98
C GLN B 26 -11.01 -26.10 -11.33
N SER B 27 -10.48 -24.93 -11.71
CA SER B 27 -9.10 -24.80 -12.10
C SER B 27 -8.24 -24.17 -11.02
N LEU B 28 -8.80 -23.86 -9.86
CA LEU B 28 -8.05 -23.25 -8.78
C LEU B 28 -7.33 -24.30 -7.96
N ASP B 29 -6.14 -23.94 -7.47
CA ASP B 29 -5.41 -24.66 -6.43
C ASP B 29 -5.54 -23.99 -5.07
N LEU B 30 -5.65 -22.66 -5.05
CA LEU B 30 -5.93 -21.91 -3.84
C LEU B 30 -7.44 -21.84 -3.67
N VAL B 31 -8.00 -22.75 -2.86
CA VAL B 31 -9.45 -22.91 -2.74
C VAL B 31 -9.94 -22.58 -1.33
N THR B 32 -9.11 -21.94 -0.53
CA THR B 32 -9.48 -21.46 0.77
C THR B 32 -9.34 -19.95 0.76
N GLU B 33 -10.01 -19.29 1.71
CA GLU B 33 -10.01 -17.84 1.75
C GLU B 33 -8.66 -17.36 2.25
N PHE B 34 -8.10 -16.36 1.58
CA PHE B 34 -6.83 -15.77 1.97
C PHE B 34 -7.12 -14.41 2.61
N LYS B 35 -6.73 -14.26 3.88
CA LYS B 35 -7.02 -13.06 4.66
C LYS B 35 -6.14 -11.88 4.25
N GLY B 36 -5.10 -12.10 3.46
CA GLY B 36 -4.29 -11.03 2.94
C GLY B 36 -4.76 -10.57 1.57
N VAL B 37 -3.89 -9.84 0.88
CA VAL B 37 -4.16 -9.26 -0.43
C VAL B 37 -3.82 -10.30 -1.49
N LEU B 38 -4.74 -10.56 -2.42
CA LEU B 38 -4.53 -11.52 -3.49
C LEU B 38 -4.24 -10.79 -4.81
N GLN B 39 -3.04 -10.98 -5.35
CA GLN B 39 -2.67 -10.50 -6.68
C GLN B 39 -2.31 -11.71 -7.53
N ALA B 40 -3.30 -12.25 -8.24
CA ALA B 40 -3.09 -13.45 -9.02
C ALA B 40 -3.88 -13.31 -10.31
N LYS B 41 -3.19 -13.54 -11.44
CA LYS B 41 -3.77 -13.34 -12.76
C LYS B 41 -3.51 -14.53 -13.66
N ASN B 42 -4.58 -15.07 -14.21
CA ASN B 42 -4.52 -16.15 -15.19
C ASN B 42 -3.55 -15.80 -16.32
N GLY B 43 -2.55 -16.67 -16.51
CA GLY B 43 -1.61 -16.54 -17.60
C GLY B 43 -0.37 -15.72 -17.28
N ASN B 44 -0.31 -15.08 -16.13
CA ASN B 44 0.73 -14.10 -15.86
C ASN B 44 1.89 -14.73 -15.08
N GLY B 45 2.94 -13.94 -14.95
CA GLY B 45 4.16 -14.35 -14.27
C GLY B 45 4.99 -13.10 -14.10
N LEU B 46 6.15 -13.26 -13.46
CA LEU B 46 6.97 -12.07 -13.19
C LEU B 46 7.70 -11.56 -14.43
N LEU B 47 7.98 -12.45 -15.39
CA LEU B 47 8.46 -12.02 -16.70
CA LEU B 47 8.46 -12.03 -16.70
C LEU B 47 7.29 -11.67 -17.60
N LYS B 48 6.26 -12.51 -17.64
CA LYS B 48 5.14 -12.25 -18.54
C LYS B 48 4.42 -10.93 -18.22
N GLN B 49 4.46 -10.46 -16.98
CA GLN B 49 3.80 -9.19 -16.66
C GLN B 49 4.38 -8.03 -17.45
N MET B 50 5.61 -8.17 -17.96
CA MET B 50 6.27 -7.15 -18.74
C MET B 50 6.02 -7.27 -20.23
N SER B 51 5.29 -8.30 -20.68
CA SER B 51 5.14 -8.57 -22.11
C SER B 51 4.17 -7.61 -22.80
N GLY B 52 3.22 -7.08 -22.07
CA GLY B 52 2.13 -6.34 -22.67
C GLY B 52 0.86 -7.14 -22.86
N ARG B 53 0.89 -8.45 -22.61
CA ARG B 53 -0.35 -9.21 -22.77
C ARG B 53 -1.42 -8.81 -21.77
N PHE B 54 -1.02 -8.37 -20.59
CA PHE B 54 -1.92 -8.11 -19.46
C PHE B 54 -1.57 -6.73 -18.93
N PRO B 55 -1.88 -5.68 -19.72
CA PRO B 55 -1.31 -4.35 -19.45
C PRO B 55 -1.74 -3.73 -18.14
N SER B 56 -2.81 -4.23 -17.49
CA SER B 56 -3.30 -3.70 -16.23
C SER B 56 -3.01 -4.59 -15.03
N ASP B 57 -2.29 -5.68 -15.20
CA ASP B 57 -2.18 -6.72 -14.18
C ASP B 57 -0.73 -6.88 -13.68
N TRP B 58 0.01 -5.77 -13.62
CA TRP B 58 1.33 -5.84 -13.01
C TRP B 58 1.22 -6.22 -11.53
N TYR B 59 2.20 -6.97 -11.05
CA TYR B 59 2.26 -7.30 -9.64
C TYR B 59 2.88 -6.15 -8.86
N THR B 60 2.23 -5.72 -7.79
CA THR B 60 2.64 -4.51 -7.06
C THR B 60 2.44 -4.71 -5.56
N PRO B 61 3.08 -5.70 -4.96
CA PRO B 61 2.90 -5.90 -3.52
C PRO B 61 3.43 -4.70 -2.77
N THR B 62 2.72 -4.31 -1.70
CA THR B 62 3.19 -3.23 -0.83
C THR B 62 3.26 -3.66 0.63
N THR B 63 3.01 -4.92 0.91
CA THR B 63 3.00 -5.47 2.27
C THR B 63 4.38 -5.99 2.65
N LYS B 64 4.60 -6.11 3.97
CA LYS B 64 5.83 -6.66 4.50
C LYS B 64 6.08 -8.09 4.04
N TYR B 65 5.03 -8.91 4.01
CA TYR B 65 5.15 -10.34 3.71
C TYR B 65 4.49 -10.69 2.39
N ARG B 66 5.00 -11.74 1.75
CA ARG B 66 4.44 -12.28 0.51
C ARG B 66 4.52 -13.79 0.50
N ILE B 67 3.59 -14.43 -0.20
CA ILE B 67 3.71 -15.82 -0.59
C ILE B 67 3.57 -15.88 -2.11
N LEU B 68 4.56 -16.49 -2.78
CA LEU B 68 4.56 -16.61 -4.22
C LEU B 68 4.16 -18.03 -4.59
N TYR B 69 3.26 -18.17 -5.58
CA TYR B 69 2.95 -19.46 -6.18
C TYR B 69 2.79 -19.23 -7.69
N LEU B 70 3.92 -19.00 -8.38
CA LEU B 70 3.86 -18.71 -9.81
C LEU B 70 5.21 -18.99 -10.45
N GLY B 71 5.20 -19.07 -11.77
CA GLY B 71 6.40 -19.37 -12.51
C GLY B 71 6.16 -20.18 -13.76
N THR B 72 5.19 -21.10 -13.71
CA THR B 72 4.94 -21.93 -14.88
C THR B 72 4.76 -21.07 -16.15
N ASN B 73 4.07 -19.93 -16.06
CA ASN B 73 3.81 -19.17 -17.28
C ASN B 73 5.06 -18.47 -17.80
N ASP B 74 6.02 -18.22 -16.92
CA ASP B 74 7.25 -17.56 -17.34
C ASP B 74 8.10 -18.46 -18.23
N CYS B 75 7.80 -19.76 -18.30
CA CYS B 75 8.54 -20.61 -19.21
C CYS B 75 8.13 -20.41 -20.66
N THR B 76 7.13 -19.58 -20.95
CA THR B 76 6.89 -19.25 -22.36
C THR B 76 7.83 -18.15 -22.87
N ASP B 77 8.57 -17.48 -21.97
CA ASP B 77 9.70 -16.68 -22.42
C ASP B 77 10.81 -17.61 -22.92
N GLY B 78 11.46 -17.23 -24.02
CA GLY B 78 12.47 -18.08 -24.63
C GLY B 78 13.56 -17.27 -25.28
N PRO B 79 14.29 -17.90 -26.20
CA PRO B 79 15.44 -17.21 -26.82
C PRO B 79 15.10 -15.87 -27.46
N THR B 80 13.90 -15.70 -28.04
CA THR B 80 13.56 -14.43 -28.66
C THR B 80 13.30 -13.33 -27.64
N ASP B 81 13.17 -13.66 -26.37
CA ASP B 81 13.02 -12.69 -25.29
C ASP B 81 14.35 -12.25 -24.70
N MET B 82 15.47 -12.79 -25.19
CA MET B 82 16.78 -12.31 -24.77
C MET B 82 17.72 -12.17 -25.96
N ILE B 83 17.16 -11.79 -27.10
CA ILE B 83 17.92 -11.80 -28.35
C ILE B 83 18.51 -10.44 -28.69
N ILE B 84 17.96 -9.34 -28.18
CA ILE B 84 18.56 -8.03 -28.46
C ILE B 84 19.98 -8.04 -27.88
N PRO B 85 21.02 -7.70 -28.65
CA PRO B 85 22.38 -7.71 -28.08
C PRO B 85 22.46 -6.86 -26.81
N THR B 86 23.18 -7.40 -25.81
CA THR B 86 23.40 -6.86 -24.46
C THR B 86 22.22 -7.09 -23.52
N SER B 87 21.15 -7.75 -23.96
CA SER B 87 20.07 -8.16 -23.08
CA SER B 87 20.09 -8.07 -23.03
C SER B 87 20.60 -9.03 -21.95
N MET B 88 19.98 -8.93 -20.77
CA MET B 88 20.20 -9.90 -19.70
C MET B 88 19.77 -11.27 -20.19
N THR B 89 20.38 -12.32 -19.64
CA THR B 89 19.84 -13.66 -19.86
C THR B 89 18.53 -13.82 -19.10
N LEU B 90 17.70 -14.76 -19.55
CA LEU B 90 16.47 -15.01 -18.82
C LEU B 90 16.77 -15.52 -17.41
N ASP B 91 17.84 -16.31 -17.25
CA ASP B 91 18.21 -16.78 -15.91
C ASP B 91 18.40 -15.60 -14.96
N ASN B 92 19.17 -14.60 -15.40
CA ASN B 92 19.47 -13.46 -14.52
C ASN B 92 18.26 -12.53 -14.36
N ALA B 93 17.50 -12.31 -15.42
CA ALA B 93 16.30 -11.48 -15.30
C ALA B 93 15.32 -12.10 -14.31
N ALA B 94 15.06 -13.39 -14.46
CA ALA B 94 14.13 -14.05 -13.55
C ALA B 94 14.63 -13.99 -12.12
N ARG B 95 15.91 -14.22 -11.92
CA ARG B 95 16.44 -14.19 -10.56
C ARG B 95 16.16 -12.84 -9.91
N GLU B 96 16.45 -11.77 -10.62
CA GLU B 96 16.21 -10.43 -10.07
C GLU B 96 14.72 -10.20 -9.83
N LEU B 97 13.84 -10.67 -10.73
CA LEU B 97 12.41 -10.44 -10.55
C LEU B 97 11.86 -11.25 -9.38
N TYR B 98 12.28 -12.51 -9.25
CA TYR B 98 11.73 -13.34 -8.17
C TYR B 98 12.27 -12.86 -6.82
N LEU B 99 13.55 -12.47 -6.76
CA LEU B 99 14.07 -11.87 -5.54
C LEU B 99 13.31 -10.61 -5.18
N GLY B 100 12.96 -9.81 -6.18
CA GLY B 100 12.24 -8.57 -5.94
C GLY B 100 10.83 -8.78 -5.44
N ALA B 101 10.09 -9.68 -6.07
CA ALA B 101 8.75 -9.95 -5.59
C ALA B 101 8.78 -10.55 -4.18
N CYS B 102 9.80 -11.36 -3.90
CA CYS B 102 9.90 -12.03 -2.60
C CYS B 102 10.31 -11.07 -1.48
N ARG B 103 11.41 -10.35 -1.69
CA ARG B 103 12.07 -9.58 -0.65
C ARG B 103 12.00 -8.08 -0.85
N GLY B 104 11.58 -7.62 -2.02
CA GLY B 104 11.85 -6.27 -2.41
C GLY B 104 10.81 -5.27 -1.95
N ASP B 105 11.30 -4.04 -1.77
CA ASP B 105 10.49 -2.84 -1.76
C ASP B 105 10.37 -2.42 -3.23
N VAL B 106 9.24 -2.74 -3.87
CA VAL B 106 9.11 -2.66 -5.32
C VAL B 106 8.06 -1.62 -5.72
N ARG B 107 8.19 -1.16 -6.97
CA ARG B 107 7.23 -0.26 -7.60
C ARG B 107 7.18 -0.61 -9.07
N VAL B 108 6.12 -0.18 -9.75
CA VAL B 108 6.06 -0.27 -11.21
C VAL B 108 5.87 1.14 -11.75
N THR B 109 6.82 1.61 -12.55
CA THR B 109 6.83 3.01 -12.97
C THR B 109 7.16 3.14 -14.45
N PRO B 110 6.82 4.28 -15.05
CA PRO B 110 7.14 4.48 -16.48
C PRO B 110 8.64 4.53 -16.70
N THR B 111 9.09 3.88 -17.77
CA THR B 111 10.50 3.85 -18.13
C THR B 111 10.81 5.02 -19.07
N PHE B 112 11.91 5.71 -18.82
CA PHE B 112 12.33 6.79 -19.71
C PHE B 112 12.64 6.23 -21.11
N VAL B 113 12.09 6.88 -22.14
CA VAL B 113 12.52 6.66 -23.51
CA VAL B 113 12.46 6.65 -23.54
C VAL B 113 12.52 8.00 -24.22
N GLY B 114 13.59 8.24 -24.99
CA GLY B 114 13.78 9.47 -25.73
C GLY B 114 14.61 9.22 -27.00
N ALA B 115 14.89 10.30 -27.72
CA ALA B 115 15.56 10.19 -29.02
C ALA B 115 16.02 11.56 -29.49
N ALA B 116 16.89 11.56 -30.48
CA ALA B 116 17.40 12.79 -31.08
C ALA B 116 16.40 13.47 -32.01
N ILE B 117 15.32 12.79 -32.40
CA ILE B 117 14.25 13.38 -33.19
C ILE B 117 12.92 13.02 -32.52
N VAL B 118 11.85 13.69 -32.94
CA VAL B 118 10.52 13.42 -32.40
C VAL B 118 10.03 12.07 -32.95
N GLY B 119 9.68 11.16 -32.05
CA GLY B 119 9.07 9.91 -32.45
C GLY B 119 7.55 9.98 -32.42
N LEU B 120 6.91 9.08 -33.18
CA LEU B 120 5.46 9.02 -33.25
C LEU B 120 4.90 7.99 -32.26
N VAL B 121 4.08 8.45 -31.32
CA VAL B 121 3.47 7.57 -30.31
C VAL B 121 2.22 6.94 -30.91
N GLY B 122 2.16 5.61 -30.88
CA GLY B 122 1.00 4.89 -31.38
C GLY B 122 0.92 3.53 -30.71
N ARG B 123 0.05 2.68 -31.26
CA ARG B 123 -0.02 1.29 -30.81
C ARG B 123 -0.05 0.38 -32.03
N THR B 124 0.48 -0.82 -31.86
CA THR B 124 0.55 -1.73 -32.98
C THR B 124 0.68 -3.15 -32.45
N ASP B 125 0.28 -4.10 -33.30
CA ASP B 125 0.51 -5.53 -33.10
C ASP B 125 1.77 -6.02 -33.79
N ALA B 126 2.45 -5.16 -34.55
CA ALA B 126 3.49 -5.63 -35.46
C ALA B 126 4.79 -5.97 -34.75
N VAL B 127 4.98 -5.54 -33.51
CA VAL B 127 6.23 -5.80 -32.81
C VAL B 127 6.17 -7.11 -32.05
N THR B 128 5.05 -7.37 -31.35
CA THR B 128 4.90 -8.54 -30.49
C THR B 128 3.83 -9.52 -30.93
N GLY B 129 2.97 -9.15 -31.87
CA GLY B 129 1.82 -9.97 -32.18
C GLY B 129 0.55 -9.61 -31.43
N PHE B 130 0.60 -8.63 -30.52
CA PHE B 130 -0.57 -8.13 -29.82
C PHE B 130 -0.35 -6.66 -29.49
N SER B 131 -1.42 -5.97 -29.14
CA SER B 131 -1.38 -4.51 -29.13
C SER B 131 -0.56 -3.98 -27.95
N VAL B 132 0.48 -3.17 -28.25
CA VAL B 132 1.26 -2.48 -27.23
C VAL B 132 1.55 -1.07 -27.74
N LYS B 133 1.91 -0.20 -26.80
CA LYS B 133 2.38 1.14 -27.13
C LYS B 133 3.75 1.07 -27.79
N VAL B 134 3.94 1.82 -28.89
CA VAL B 134 5.24 1.92 -29.55
C VAL B 134 5.56 3.38 -29.87
N LEU B 135 6.85 3.65 -30.03
CA LEU B 135 7.35 4.79 -30.76
C LEU B 135 7.79 4.32 -32.13
N THR B 136 7.38 5.06 -33.18
CA THR B 136 7.82 4.80 -34.55
C THR B 136 8.75 5.91 -34.99
N PHE B 137 9.92 5.51 -35.50
CA PHE B 137 10.91 6.44 -36.03
C PHE B 137 11.05 6.14 -37.52
N SER B 138 10.71 7.11 -38.36
CA SER B 138 10.69 6.90 -39.80
CA SER B 138 10.69 6.89 -39.80
C SER B 138 12.01 7.27 -40.47
N SER B 139 12.98 7.74 -39.71
CA SER B 139 14.32 7.94 -40.23
C SER B 139 15.29 7.58 -39.12
N PRO B 140 16.55 7.31 -39.45
CA PRO B 140 17.48 6.73 -38.47
C PRO B 140 17.89 7.76 -37.42
N THR B 141 17.86 7.36 -36.15
CA THR B 141 18.19 8.29 -35.09
C THR B 141 18.83 7.57 -33.91
N ILE B 142 19.24 8.34 -32.92
CA ILE B 142 19.69 7.79 -31.64
C ILE B 142 18.47 7.66 -30.75
N VAL B 143 18.28 6.47 -30.16
CA VAL B 143 17.18 6.18 -29.23
C VAL B 143 17.81 5.82 -27.90
N VAL B 144 17.31 6.42 -26.82
CA VAL B 144 17.84 6.20 -25.48
C VAL B 144 16.72 5.69 -24.57
N VAL B 145 17.04 4.73 -23.72
CA VAL B 145 16.08 4.11 -22.83
C VAL B 145 16.71 3.96 -21.45
N GLY B 146 15.92 4.22 -20.41
CA GLY B 146 16.39 4.10 -19.03
C GLY B 146 17.33 5.23 -18.63
N LEU B 147 17.71 5.23 -17.36
CA LEU B 147 18.51 6.32 -16.81
C LEU B 147 19.59 5.79 -15.88
N ASN B 148 20.78 6.37 -15.97
CA ASN B 148 21.85 5.98 -15.07
CA ASN B 148 21.89 6.05 -15.06
C ASN B 148 21.39 6.09 -13.62
N GLY B 149 21.76 5.09 -12.82
CA GLY B 149 21.34 5.07 -11.43
C GLY B 149 20.04 4.33 -11.17
N MET B 150 19.37 3.87 -12.23
CA MET B 150 18.11 3.16 -12.03
C MET B 150 18.37 1.84 -11.31
N SER B 151 17.31 1.35 -10.67
CA SER B 151 17.35 0.09 -9.89
C SER B 151 16.07 -0.69 -10.19
N GLY B 152 16.11 -1.48 -11.26
CA GLY B 152 14.94 -2.25 -11.66
C GLY B 152 15.17 -2.82 -13.03
N ILE B 153 14.15 -3.52 -13.52
CA ILE B 153 14.21 -4.26 -14.78
CA ILE B 153 14.23 -4.23 -14.77
C ILE B 153 13.09 -3.81 -15.69
N TYR B 154 13.39 -3.67 -16.97
CA TYR B 154 12.36 -3.37 -17.98
C TYR B 154 12.60 -4.23 -19.21
N LYS B 155 11.55 -4.37 -20.03
CA LYS B 155 11.60 -5.17 -21.25
C LYS B 155 11.52 -4.24 -22.45
N VAL B 156 12.32 -4.54 -23.46
CA VAL B 156 12.30 -3.84 -24.74
C VAL B 156 12.03 -4.85 -25.83
N CYS B 157 11.18 -4.48 -26.79
CA CYS B 157 10.97 -5.25 -28.00
C CYS B 157 11.08 -4.32 -29.21
N ILE B 158 11.76 -4.75 -30.26
CA ILE B 158 11.96 -3.91 -31.44
C ILE B 158 11.54 -4.64 -32.72
N ALA B 159 11.12 -3.82 -33.69
CA ALA B 159 10.98 -4.21 -35.10
C ALA B 159 11.73 -3.13 -35.86
N ALA B 160 13.02 -3.33 -36.07
CA ALA B 160 13.88 -2.31 -36.64
C ALA B 160 14.29 -2.69 -38.05
N THR B 161 14.43 -1.68 -38.91
CA THR B 161 15.02 -1.88 -40.23
C THR B 161 16.47 -1.45 -40.27
N SER B 162 16.94 -0.74 -39.26
CA SER B 162 18.35 -0.46 -39.08
C SER B 162 18.59 -0.18 -37.61
N GLY B 163 19.84 -0.31 -37.20
CA GLY B 163 20.26 0.07 -35.86
C GLY B 163 21.30 -0.85 -35.27
N ASN B 164 22.03 -0.33 -34.29
CA ASN B 164 23.08 -1.07 -33.60
C ASN B 164 23.13 -0.60 -32.15
N VAL B 165 23.73 -1.43 -31.30
CA VAL B 165 24.03 -1.06 -29.92
C VAL B 165 25.55 -1.19 -29.76
N GLY B 166 26.22 -0.05 -29.57
CA GLY B 166 27.67 -0.02 -29.49
C GLY B 166 28.37 -0.59 -30.70
N GLY B 167 27.76 -0.49 -31.89
CA GLY B 167 28.33 -1.05 -33.09
C GLY B 167 27.88 -2.45 -33.41
N VAL B 168 27.18 -3.12 -32.49
CA VAL B 168 26.67 -4.46 -32.75
C VAL B 168 25.30 -4.35 -33.38
N LYS B 169 25.13 -4.94 -34.55
CA LYS B 169 23.87 -4.82 -35.25
C LYS B 169 22.73 -5.39 -34.42
N LEU B 170 21.64 -4.64 -34.33
CA LEU B 170 20.48 -5.09 -33.57
C LEU B 170 19.87 -6.31 -34.25
N ILE B 171 19.23 -7.16 -33.44
CA ILE B 171 18.48 -8.32 -33.90
C ILE B 171 17.04 -8.14 -33.42
N ASN B 172 16.08 -8.30 -34.32
CA ASN B 172 14.69 -8.06 -33.91
C ASN B 172 14.17 -9.14 -32.97
N GLY B 173 13.37 -8.70 -31.99
CA GLY B 173 12.91 -9.50 -30.88
C GLY B 173 12.92 -8.66 -29.63
N CYS B 174 13.13 -9.28 -28.47
CA CYS B 174 13.04 -8.58 -27.20
C CYS B 174 14.29 -8.81 -26.37
N GLY B 175 14.36 -8.07 -25.28
CA GLY B 175 15.41 -8.24 -24.28
C GLY B 175 14.99 -7.61 -22.98
N TYR B 176 15.63 -8.05 -21.90
CA TYR B 176 15.46 -7.48 -20.57
C TYR B 176 16.69 -6.67 -20.19
N PHE B 177 16.47 -5.54 -19.52
CA PHE B 177 17.56 -4.63 -19.20
C PHE B 177 17.39 -4.11 -17.78
N ASN B 178 18.51 -3.89 -17.10
CA ASN B 178 18.48 -3.26 -15.77
C ASN B 178 19.45 -2.09 -15.69
N THR B 179 19.82 -1.55 -16.85
CA THR B 179 20.71 -0.40 -17.02
C THR B 179 20.19 0.43 -18.17
N PRO B 180 20.64 1.68 -18.31
CA PRO B 180 20.29 2.45 -19.51
C PRO B 180 20.85 1.84 -20.79
N LEU B 181 20.15 2.11 -21.90
CA LEU B 181 20.44 1.56 -23.21
C LEU B 181 20.52 2.70 -24.21
N ARG B 182 21.33 2.51 -25.26
CA ARG B 182 21.40 3.46 -26.35
C ARG B 182 21.49 2.69 -27.66
N PHE B 183 20.57 2.97 -28.58
CA PHE B 183 20.63 2.45 -29.93
C PHE B 183 21.03 3.56 -30.88
N ASP B 184 21.97 3.28 -31.76
CA ASP B 184 22.37 4.22 -32.80
C ASP B 184 21.82 3.79 -34.14
N ASN B 185 21.61 4.77 -35.04
CA ASN B 185 21.17 4.51 -36.41
C ASN B 185 19.85 3.73 -36.43
N PHE B 186 18.98 3.98 -35.44
CA PHE B 186 17.77 3.17 -35.27
C PHE B 186 16.64 3.69 -36.16
N GLN B 187 16.03 2.79 -36.92
CA GLN B 187 14.80 3.10 -37.64
C GLN B 187 13.85 1.93 -37.47
N GLY B 188 12.58 2.25 -37.20
CA GLY B 188 11.56 1.25 -36.97
C GLY B 188 10.73 1.54 -35.75
N GLN B 189 10.24 0.48 -35.11
CA GLN B 189 9.35 0.61 -33.95
C GLN B 189 9.98 0.03 -32.70
N ILE B 190 9.72 0.67 -31.56
CA ILE B 190 10.23 0.19 -30.28
C ILE B 190 9.14 0.22 -29.22
N TYR B 191 8.98 -0.89 -28.52
CA TYR B 191 8.17 -1.04 -27.31
C TYR B 191 9.10 -1.09 -26.11
N VAL B 192 8.76 -0.35 -25.07
CA VAL B 192 9.46 -0.36 -23.80
C VAL B 192 8.42 -0.55 -22.68
N SER B 193 8.57 -1.61 -21.90
CA SER B 193 7.64 -1.81 -20.78
C SER B 193 7.94 -0.85 -19.65
N ASP B 194 6.99 -0.74 -18.72
CA ASP B 194 7.26 -0.11 -17.44
C ASP B 194 8.39 -0.86 -16.73
N THR B 195 9.00 -0.19 -15.75
CA THR B 195 10.09 -0.75 -14.98
C THR B 195 9.55 -1.37 -13.69
N PHE B 196 9.98 -2.59 -13.42
CA PHE B 196 9.74 -3.25 -12.13
C PHE B 196 10.91 -2.83 -11.28
N GLU B 197 10.71 -1.76 -10.48
CA GLU B 197 11.77 -1.23 -9.60
C GLU B 197 11.94 -2.14 -8.40
N VAL B 198 13.19 -2.44 -8.06
CA VAL B 198 13.53 -3.22 -6.88
C VAL B 198 14.55 -2.41 -6.12
N ARG B 199 14.17 -1.92 -4.94
CA ARG B 199 15.04 -1.04 -4.17
C ARG B 199 15.60 -1.84 -3.00
N GLY B 200 15.21 -1.51 -1.78
CA GLY B 200 15.64 -2.31 -0.64
C GLY B 200 15.04 -3.72 -0.69
N THR B 201 15.61 -4.63 0.09
CA THR B 201 15.20 -6.03 0.01
C THR B 201 15.06 -6.65 1.39
N LYS B 202 14.36 -5.95 2.30
CA LYS B 202 14.16 -6.48 3.65
C LYS B 202 12.70 -6.87 3.92
N ASN B 203 11.86 -6.98 2.88
CA ASN B 203 10.59 -7.65 3.06
C ASN B 203 10.83 -9.18 2.99
N LYS B 204 9.79 -9.98 3.28
CA LYS B 204 9.99 -11.42 3.49
C LYS B 204 8.93 -12.24 2.75
N CYS B 205 9.35 -13.40 2.25
CA CYS B 205 8.38 -14.26 1.54
C CYS B 205 8.66 -15.73 1.76
N VAL B 206 7.69 -16.52 1.35
CA VAL B 206 7.85 -17.95 1.01
C VAL B 206 7.67 -18.03 -0.50
N LEU B 207 8.50 -18.83 -1.16
CA LEU B 207 8.37 -19.06 -2.60
C LEU B 207 7.97 -20.50 -2.79
N LEU B 208 6.69 -20.75 -3.11
CA LEU B 208 6.18 -22.10 -3.30
C LEU B 208 6.44 -22.55 -4.73
N ARG B 209 6.96 -23.77 -4.89
CA ARG B 209 7.21 -24.30 -6.23
C ARG B 209 5.97 -24.19 -7.11
N SER B 210 6.17 -23.65 -8.33
CA SER B 210 5.19 -23.65 -9.39
C SER B 210 5.65 -24.64 -10.44
N SER B 211 4.90 -25.73 -10.61
CA SER B 211 5.24 -26.76 -11.59
C SER B 211 4.49 -26.55 -12.89
N SER B 212 5.12 -26.97 -13.99
CA SER B 212 4.51 -26.97 -15.31
C SER B 212 4.12 -28.42 -15.65
N ASP B 213 3.48 -28.62 -16.80
CA ASP B 213 3.17 -29.97 -17.23
C ASP B 213 4.30 -30.59 -18.04
N THR B 214 5.35 -29.83 -18.31
CA THR B 214 6.63 -30.29 -18.80
C THR B 214 7.72 -29.84 -17.84
N PRO B 215 8.94 -30.36 -17.96
CA PRO B 215 10.00 -29.92 -17.04
C PRO B 215 10.20 -28.41 -17.14
N LEU B 216 10.48 -27.80 -15.99
CA LEU B 216 10.60 -26.35 -15.90
C LEU B 216 11.76 -25.86 -16.76
N CYS B 217 11.55 -24.73 -17.40
CA CYS B 217 12.64 -24.01 -18.05
C CYS B 217 13.72 -23.64 -17.04
N SER B 218 14.95 -23.42 -17.54
CA SER B 218 16.07 -23.14 -16.65
C SER B 218 15.80 -21.94 -15.76
N HIS B 219 15.23 -20.86 -16.31
CA HIS B 219 15.19 -19.61 -15.55
C HIS B 219 14.20 -19.66 -14.39
N ILE B 220 13.22 -20.58 -14.41
CA ILE B 220 12.30 -20.79 -13.29
C ILE B 220 12.76 -21.96 -12.42
N MET B 221 13.36 -22.99 -13.04
CA MET B 221 13.97 -24.09 -12.27
CA MET B 221 13.97 -24.08 -12.27
C MET B 221 14.93 -23.55 -11.20
N ARG B 222 15.72 -22.54 -11.55
CA ARG B 222 16.74 -22.01 -10.64
C ARG B 222 16.16 -21.36 -9.38
N ASN B 223 14.85 -21.15 -9.31
CA ASN B 223 14.27 -20.62 -8.08
C ASN B 223 14.48 -21.58 -6.91
N VAL B 224 14.79 -22.85 -7.19
CA VAL B 224 15.13 -23.82 -6.14
C VAL B 224 16.36 -23.38 -5.33
N GLU B 225 17.18 -22.50 -5.88
CA GLU B 225 18.38 -22.05 -5.19
C GLU B 225 18.11 -21.00 -4.13
N LEU B 226 16.89 -20.43 -4.08
CA LEU B 226 16.58 -19.37 -3.13
C LEU B 226 16.21 -19.94 -1.78
N ASP B 227 16.68 -19.28 -0.72
CA ASP B 227 16.44 -19.81 0.63
C ASP B 227 14.95 -20.00 0.90
N GLU B 228 14.10 -19.19 0.28
CA GLU B 228 12.67 -19.20 0.54
C GLU B 228 11.92 -20.31 -0.21
N TYR B 229 12.58 -21.03 -1.10
CA TYR B 229 11.90 -22.04 -1.91
C TYR B 229 11.33 -23.15 -1.03
N VAL B 230 10.07 -23.52 -1.28
CA VAL B 230 9.42 -24.65 -0.62
C VAL B 230 8.78 -25.52 -1.70
N ASP B 231 9.07 -26.82 -1.65
CA ASP B 231 8.52 -27.76 -2.61
C ASP B 231 7.00 -27.83 -2.45
N THR B 232 6.32 -28.03 -3.58
CA THR B 232 4.90 -28.34 -3.60
C THR B 232 4.67 -29.65 -4.33
N PRO B 233 3.52 -30.29 -4.13
CA PRO B 233 3.31 -31.63 -4.69
C PRO B 233 3.58 -31.70 -6.19
N ASN B 234 4.37 -32.69 -6.59
CA ASN B 234 4.74 -32.84 -7.99
C ASN B 234 5.14 -34.28 -8.23
N THR B 235 5.17 -34.65 -9.49
CA THR B 235 5.51 -36.00 -9.95
C THR B 235 6.74 -35.86 -10.83
N GLY B 236 7.91 -36.13 -10.26
CA GLY B 236 9.13 -35.96 -11.01
C GLY B 236 9.33 -34.55 -11.51
N GLY B 237 8.92 -33.55 -10.75
CA GLY B 237 9.07 -32.15 -11.14
C GLY B 237 7.91 -31.60 -11.95
N VAL B 238 7.01 -32.45 -12.42
CA VAL B 238 5.88 -32.06 -13.25
C VAL B 238 4.60 -31.96 -12.42
N TYR B 239 3.70 -31.09 -12.85
CA TYR B 239 2.43 -30.89 -12.15
C TYR B 239 1.68 -32.21 -12.00
N PRO B 240 1.07 -32.48 -10.84
CA PRO B 240 0.42 -33.79 -10.66
C PRO B 240 -0.76 -34.04 -11.59
N SER B 241 -1.04 -35.32 -11.81
CA SER B 241 -2.07 -35.75 -12.73
C SER B 241 -3.44 -35.95 -12.06
N ASP B 242 -3.65 -35.35 -10.89
CA ASP B 242 -4.85 -35.52 -10.08
C ASP B 242 -5.73 -34.25 -10.08
N GLY B 243 -5.67 -33.46 -11.16
CA GLY B 243 -6.39 -32.21 -11.25
C GLY B 243 -7.48 -32.24 -12.32
N PHE B 244 -8.02 -31.06 -12.57
CA PHE B 244 -9.02 -30.85 -13.63
C PHE B 244 -8.42 -31.06 -15.01
N ASP B 245 -7.21 -30.55 -15.24
CA ASP B 245 -6.47 -30.82 -16.47
C ASP B 245 -5.00 -30.92 -16.08
N SER B 246 -4.13 -31.02 -17.09
CA SER B 246 -2.71 -31.27 -16.82
C SER B 246 -2.04 -30.13 -16.08
N LEU B 247 -2.69 -28.97 -15.96
CA LEU B 247 -2.04 -27.81 -15.39
C LEU B 247 -2.80 -27.17 -14.23
N HIS B 248 -3.98 -27.66 -13.86
CA HIS B 248 -4.80 -26.93 -12.88
C HIS B 248 -5.61 -27.87 -12.00
N GLY B 249 -5.84 -27.43 -10.75
CA GLY B 249 -6.84 -28.05 -9.88
C GLY B 249 -6.43 -29.32 -9.16
N SER B 250 -5.13 -29.56 -9.05
CA SER B 250 -4.59 -30.77 -8.43
C SER B 250 -5.16 -30.95 -7.03
N ALA B 251 -5.73 -32.12 -6.77
CA ALA B 251 -6.27 -32.40 -5.44
C ALA B 251 -5.17 -32.33 -4.38
N SER B 252 -3.99 -32.87 -4.70
CA SER B 252 -2.91 -32.89 -3.70
C SER B 252 -2.33 -31.49 -3.47
N VAL B 253 -2.19 -30.68 -4.51
CA VAL B 253 -1.73 -29.30 -4.27
C VAL B 253 -2.76 -28.54 -3.44
N ARG B 254 -4.05 -28.70 -3.77
CA ARG B 254 -5.09 -28.04 -3.00
C ARG B 254 -4.97 -28.40 -1.52
N THR B 255 -4.85 -29.69 -1.20
CA THR B 255 -4.75 -30.10 0.18
C THR B 255 -3.51 -29.52 0.86
N PHE B 256 -2.39 -29.50 0.14
CA PHE B 256 -1.15 -28.93 0.67
C PHE B 256 -1.34 -27.47 1.05
N LEU B 257 -1.92 -26.70 0.14
CA LEU B 257 -2.09 -25.26 0.37
C LEU B 257 -3.12 -24.98 1.46
N THR B 258 -4.26 -25.69 1.41
CA THR B 258 -5.33 -25.47 2.39
C THR B 258 -4.85 -25.81 3.79
N ASP B 259 -4.20 -26.95 3.94
CA ASP B 259 -3.69 -27.33 5.26
C ASP B 259 -2.71 -26.28 5.78
N ALA B 260 -1.82 -25.80 4.92
CA ALA B 260 -0.81 -24.86 5.35
C ALA B 260 -1.39 -23.49 5.67
N LEU B 261 -2.56 -23.15 5.13
CA LEU B 261 -3.19 -21.85 5.36
C LEU B 261 -4.24 -21.86 6.45
N THR B 262 -4.53 -23.01 7.06
CA THR B 262 -5.59 -23.13 8.05
C THR B 262 -5.08 -23.67 9.38
N CYS B 263 -3.80 -23.49 9.67
CA CYS B 263 -3.31 -23.81 10.99
C CYS B 263 -4.14 -23.06 12.03
N PRO B 264 -4.64 -23.72 13.07
CA PRO B 264 -5.53 -23.04 14.02
C PRO B 264 -4.80 -22.19 15.04
N ASP B 265 -5.38 -21.03 15.33
CA ASP B 265 -5.06 -20.23 16.51
C ASP B 265 -3.61 -19.77 16.52
N ILE B 266 -3.09 -19.40 15.36
CA ILE B 266 -1.75 -18.82 15.27
C ILE B 266 -1.86 -17.31 15.42
N ASP B 267 -1.04 -16.74 16.30
CA ASP B 267 -1.00 -15.28 16.49
C ASP B 267 0.11 -14.72 15.62
N TRP B 268 -0.23 -14.50 14.35
CA TRP B 268 0.76 -14.05 13.37
C TRP B 268 1.38 -12.71 13.76
N SER B 269 0.69 -11.90 14.55
CA SER B 269 1.24 -10.60 14.92
C SER B 269 2.50 -10.74 15.75
N ARG B 270 2.77 -11.92 16.31
CA ARG B 270 3.89 -12.10 17.23
C ARG B 270 5.09 -12.82 16.61
N ILE B 271 5.12 -13.02 15.28
CA ILE B 271 6.26 -13.60 14.60
C ILE B 271 6.56 -12.81 13.33
N ASP B 272 7.83 -12.42 13.17
CA ASP B 272 8.28 -11.69 11.97
C ASP B 272 8.75 -12.69 10.92
N ALA B 273 7.77 -13.34 10.26
CA ALA B 273 8.07 -14.37 9.28
C ALA B 273 6.82 -14.64 8.47
N ALA B 274 7.02 -15.08 7.23
CA ALA B 274 5.95 -15.45 6.32
C ALA B 274 5.50 -16.89 6.53
N SER B 275 6.16 -17.63 7.43
CA SER B 275 5.72 -18.98 7.77
C SER B 275 6.41 -19.43 9.06
N CYS B 276 5.90 -20.52 9.62
CA CYS B 276 6.49 -21.17 10.78
C CYS B 276 6.03 -22.61 10.84
N GLU B 277 6.80 -23.45 11.53
CA GLU B 277 6.37 -24.81 11.82
C GLU B 277 5.41 -24.78 13.00
N TYR B 278 4.34 -25.56 12.90
CA TYR B 278 3.20 -25.39 13.78
C TYR B 278 3.61 -25.36 15.24
N ASP B 279 4.44 -26.32 15.66
CA ASP B 279 4.77 -26.43 17.09
C ASP B 279 5.51 -25.20 17.59
N SER B 280 6.24 -24.51 16.71
CA SER B 280 7.00 -23.32 17.06
C SER B 280 6.22 -22.03 16.83
N CYS B 281 5.12 -22.06 16.10
CA CYS B 281 4.36 -20.85 15.85
C CYS B 281 3.86 -20.27 17.17
N PRO B 282 3.79 -18.95 17.29
CA PRO B 282 3.14 -18.35 18.46
C PRO B 282 1.63 -18.57 18.45
N LYS B 283 1.07 -18.93 19.60
CA LYS B 283 -0.34 -19.28 19.67
C LYS B 283 -1.14 -18.18 20.33
N MET B 284 -2.39 -18.04 19.89
CA MET B 284 -3.31 -17.07 20.46
C MET B 284 -3.56 -17.38 21.93
N VAL B 285 -3.58 -16.33 22.76
CA VAL B 285 -3.98 -16.46 24.16
C VAL B 285 -5.50 -16.40 24.23
N LYS B 286 -6.11 -17.27 25.06
CA LYS B 286 -7.56 -17.33 25.13
C LYS B 286 -8.07 -16.88 26.50
N ASP B 287 -9.35 -16.49 26.54
CA ASP B 287 -9.98 -16.15 27.80
C ASP B 287 -9.93 -17.30 28.79
N PHE B 288 -9.62 -16.99 30.04
CA PHE B 288 -9.65 -18.01 31.07
C PHE B 288 -11.09 -18.29 31.50
N ASP B 289 -11.44 -19.56 31.59
CA ASP B 289 -12.77 -19.98 32.03
C ASP B 289 -12.66 -20.36 33.50
N GLN B 290 -13.28 -19.56 34.37
CA GLN B 290 -13.16 -19.77 35.82
C GLN B 290 -14.33 -20.57 36.39
N THR B 291 -15.15 -21.20 35.54
CA THR B 291 -16.35 -21.86 36.05
C THR B 291 -15.98 -23.05 36.92
N SER B 292 -14.93 -23.80 36.55
CA SER B 292 -14.53 -24.97 37.31
C SER B 292 -13.95 -24.59 38.68
N LEU B 293 -13.16 -23.52 38.74
CA LEU B 293 -12.68 -23.04 40.04
C LEU B 293 -13.84 -22.60 40.92
N GLY B 294 -14.88 -22.02 40.30
CA GLY B 294 -16.05 -21.60 41.07
C GLY B 294 -16.84 -22.78 41.59
N ASN B 295 -16.92 -23.86 40.81
CA ASN B 295 -17.59 -25.05 41.29
C ASN B 295 -16.88 -25.63 42.50
N THR B 296 -15.55 -25.65 42.48
CA THR B 296 -14.82 -26.15 43.63
C THR B 296 -15.09 -25.29 44.86
N ASP B 297 -15.08 -23.96 44.71
CA ASP B 297 -15.39 -23.08 45.82
C ASP B 297 -16.77 -23.38 46.39
N THR B 298 -17.73 -23.72 45.52
CA THR B 298 -19.07 -24.04 46.00
C THR B 298 -19.07 -25.38 46.74
N LEU B 299 -18.47 -26.41 46.15
CA LEU B 299 -18.45 -27.72 46.78
C LEU B 299 -17.76 -27.68 48.13
N ILE B 300 -16.65 -26.93 48.24
CA ILE B 300 -15.98 -26.78 49.53
C ILE B 300 -16.89 -26.04 50.51
N MET B 301 -17.49 -24.93 50.07
CA MET B 301 -18.38 -24.17 50.94
C MET B 301 -19.49 -25.06 51.48
N ARG B 302 -20.00 -25.98 50.65
CA ARG B 302 -21.05 -26.90 51.10
C ARG B 302 -20.58 -27.74 52.27
N GLU B 303 -19.45 -28.45 52.11
CA GLU B 303 -18.95 -29.30 53.17
C GLU B 303 -18.60 -28.49 54.41
N VAL B 304 -18.16 -27.24 54.24
CA VAL B 304 -17.81 -26.41 55.40
C VAL B 304 -19.06 -26.00 56.17
N ALA B 305 -20.06 -25.45 55.48
CA ALA B 305 -21.27 -25.02 56.17
C ALA B 305 -21.96 -26.18 56.87
N LEU B 306 -21.87 -27.38 56.29
CA LEU B 306 -22.41 -28.56 56.96
C LEU B 306 -21.49 -29.01 58.10
N HIS B 307 -20.19 -28.76 57.98
CA HIS B 307 -19.29 -28.95 59.12
C HIS B 307 -19.63 -27.99 60.26
N LYS B 308 -20.08 -26.78 59.94
CA LYS B 308 -20.50 -25.87 61.00
C LYS B 308 -21.76 -26.38 61.68
N GLU B 309 -22.75 -26.84 60.90
CA GLU B 309 -23.96 -27.41 61.49
C GLU B 309 -23.61 -28.56 62.42
N MET B 310 -22.77 -29.50 61.96
CA MET B 310 -22.41 -30.64 62.78
C MET B 310 -21.71 -30.20 64.06
N ILE B 311 -20.82 -29.21 63.97
CA ILE B 311 -19.99 -28.85 65.10
C ILE B 311 -20.84 -28.28 66.23
N SER B 312 -21.77 -27.37 65.90
CA SER B 312 -22.64 -26.79 66.91
C SER B 312 -23.38 -27.87 67.69
N LYS B 313 -23.99 -28.83 66.98
CA LYS B 313 -24.71 -29.91 67.65
C LYS B 313 -23.79 -30.71 68.55
N LEU B 314 -22.59 -31.05 68.07
CA LEU B 314 -21.61 -31.68 68.94
C LEU B 314 -21.28 -30.78 70.13
N GLN B 315 -21.26 -29.46 69.92
CA GLN B 315 -20.97 -28.53 71.01
C GLN B 315 -22.10 -28.52 72.03
N ARG B 316 -23.35 -28.51 71.56
CA ARG B 316 -24.48 -28.55 72.49
C ARG B 316 -24.53 -29.90 73.21
N ASP B 317 -24.44 -30.99 72.45
CA ASP B 317 -24.48 -32.31 73.05
C ASP B 317 -23.34 -32.53 74.04
N ILE B 318 -22.28 -31.71 73.98
CA ILE B 318 -21.24 -31.78 74.98
C ILE B 318 -21.52 -30.88 76.18
N THR B 319 -22.50 -30.00 76.07
CA THR B 319 -22.92 -29.18 77.21
C THR B 319 -23.86 -29.97 78.13
N ARG C 1 -26.32 -4.03 16.67
CA ARG C 1 -25.29 -3.00 16.91
C ARG C 1 -24.09 -3.22 16.00
N LEU C 2 -23.96 -2.31 15.05
CA LEU C 2 -22.92 -2.37 14.04
C LEU C 2 -21.58 -1.93 14.61
N CYS C 3 -20.54 -2.73 14.34
CA CYS C 3 -19.16 -2.34 14.61
C CYS C 3 -18.38 -2.32 13.30
N LEU C 4 -17.84 -1.15 12.96
CA LEU C 4 -16.98 -0.99 11.79
C LEU C 4 -15.51 -1.16 12.16
N ARG C 5 -14.77 -1.82 11.25
CA ARG C 5 -13.37 -2.14 11.45
C ARG C 5 -12.55 -0.87 11.55
N ASN C 6 -12.03 -0.57 12.73
CA ASN C 6 -11.28 0.65 12.99
C ASN C 6 -9.87 0.19 13.31
N TYR C 7 -9.04 0.08 12.28
CA TYR C 7 -7.80 -0.69 12.38
C TYR C 7 -6.85 -0.27 11.26
N PRO C 8 -5.53 -0.43 11.46
CA PRO C 8 -4.57 0.09 10.46
C PRO C 8 -4.60 -0.60 9.10
N ASP C 9 -5.25 -1.76 8.96
CA ASP C 9 -5.35 -2.47 7.69
C ASP C 9 -6.63 -2.12 6.94
N THR C 10 -7.25 -0.97 7.27
CA THR C 10 -8.50 -0.53 6.68
C THR C 10 -8.34 0.88 6.14
N THR C 11 -8.88 1.14 4.95
CA THR C 11 -8.86 2.46 4.33
C THR C 11 -10.27 3.00 4.31
N TRP C 12 -10.42 4.21 4.84
CA TRP C 12 -11.69 4.95 4.80
C TRP C 12 -11.70 5.83 3.55
N ILE C 13 -12.67 5.60 2.68
CA ILE C 13 -12.76 6.25 1.37
C ILE C 13 -13.93 7.22 1.39
N GLY C 14 -13.64 8.51 1.35
CA GLY C 14 -14.69 9.49 1.58
C GLY C 14 -14.59 10.79 0.81
N ASP C 15 -15.48 11.72 1.18
CA ASP C 15 -15.56 13.02 0.56
C ASP C 15 -15.41 14.11 1.62
N SER C 16 -15.99 15.30 1.40
CA SER C 16 -15.77 16.39 2.36
C SER C 16 -16.19 15.97 3.76
N ARG C 17 -17.21 15.12 3.89
CA ARG C 17 -17.73 14.75 5.21
C ARG C 17 -16.74 13.94 6.02
N SER C 18 -15.69 13.41 5.39
CA SER C 18 -14.65 12.64 6.05
C SER C 18 -13.26 13.24 5.90
N ASP C 19 -13.13 14.42 5.26
CA ASP C 19 -11.83 15.02 4.90
C ASP C 19 -11.31 15.79 6.12
N GLN C 20 -10.93 15.00 7.14
CA GLN C 20 -10.54 15.59 8.43
C GLN C 20 -9.35 16.53 8.28
N SER C 21 -8.48 16.29 7.30
CA SER C 21 -7.25 17.07 7.14
C SER C 21 -7.51 18.47 6.62
N ARG C 22 -8.56 18.65 5.82
CA ARG C 22 -8.69 19.84 4.98
C ARG C 22 -10.03 20.56 5.07
N VAL C 23 -11.01 20.04 5.81
CA VAL C 23 -12.35 20.62 5.92
C VAL C 23 -12.60 21.04 7.37
N ASN C 24 -13.25 22.20 7.56
CA ASN C 24 -13.56 22.66 8.90
C ASN C 24 -14.36 21.61 9.65
N PRO C 25 -14.06 21.36 10.92
CA PRO C 25 -14.77 20.29 11.65
C PRO C 25 -16.28 20.45 11.66
N GLN C 26 -16.81 21.65 11.55
CA GLN C 26 -18.27 21.80 11.58
C GLN C 26 -18.94 21.09 10.40
N SER C 27 -18.21 20.83 9.32
CA SER C 27 -18.76 20.16 8.14
C SER C 27 -18.47 18.66 8.10
N LEU C 28 -17.77 18.13 9.09
CA LEU C 28 -17.44 16.70 9.10
C LEU C 28 -18.57 15.86 9.69
N ASP C 29 -18.75 14.66 9.13
CA ASP C 29 -19.56 13.61 9.75
C ASP C 29 -18.69 12.57 10.45
N LEU C 30 -17.46 12.37 9.95
CA LEU C 30 -16.44 11.52 10.59
C LEU C 30 -15.66 12.41 11.54
N VAL C 31 -16.06 12.38 12.81
CA VAL C 31 -15.53 13.25 13.84
C VAL C 31 -14.83 12.46 14.94
N THR C 32 -14.54 11.19 14.69
CA THR C 32 -13.77 10.36 15.59
C THR C 32 -12.49 9.95 14.86
N GLU C 33 -11.47 9.62 15.65
CA GLU C 33 -10.18 9.27 15.08
C GLU C 33 -10.28 7.92 14.38
N PHE C 34 -9.82 7.86 13.13
CA PHE C 34 -9.82 6.62 12.37
C PHE C 34 -8.41 6.03 12.40
N LYS C 35 -8.29 4.82 12.94
CA LYS C 35 -6.99 4.18 13.12
C LYS C 35 -6.40 3.65 11.81
N GLY C 36 -7.17 3.59 10.74
CA GLY C 36 -6.65 3.18 9.45
C GLY C 36 -6.25 4.38 8.61
N VAL C 37 -6.11 4.13 7.32
CA VAL C 37 -5.71 5.14 6.34
C VAL C 37 -6.96 5.89 5.88
N LEU C 38 -6.90 7.21 5.93
CA LEU C 38 -8.01 8.05 5.50
C LEU C 38 -7.72 8.64 4.13
N GLN C 39 -8.53 8.28 3.15
CA GLN C 39 -8.49 8.90 1.81
C GLN C 39 -9.83 9.56 1.55
N ALA C 40 -9.94 10.85 1.89
CA ALA C 40 -11.21 11.58 1.76
C ALA C 40 -10.94 13.00 1.32
N LYS C 41 -11.68 13.44 0.31
CA LYS C 41 -11.42 14.73 -0.34
C LYS C 41 -12.70 15.48 -0.61
N ASN C 42 -12.72 16.74 -0.21
CA ASN C 42 -13.80 17.68 -0.50
C ASN C 42 -14.18 17.64 -1.96
N GLY C 43 -15.47 17.40 -2.25
CA GLY C 43 -15.97 17.48 -3.61
C GLY C 43 -15.81 16.21 -4.43
N ASN C 44 -15.10 15.22 -3.93
CA ASN C 44 -14.66 14.09 -4.73
C ASN C 44 -15.66 12.92 -4.68
N GLY C 45 -15.43 11.95 -5.56
CA GLY C 45 -16.23 10.74 -5.69
C GLY C 45 -15.50 9.80 -6.64
N LEU C 46 -16.06 8.61 -6.82
CA LEU C 46 -15.33 7.65 -7.65
C LEU C 46 -15.43 8.00 -9.13
N LEU C 47 -16.49 8.70 -9.54
CA LEU C 47 -16.55 9.26 -10.89
CA LEU C 47 -16.55 9.26 -10.89
C LEU C 47 -15.87 10.60 -10.95
N LYS C 48 -16.15 11.48 -9.97
CA LYS C 48 -15.62 12.83 -10.04
C LYS C 48 -14.10 12.85 -10.03
N GLN C 49 -13.47 11.84 -9.43
CA GLN C 49 -12.00 11.84 -9.41
C GLN C 49 -11.44 11.82 -10.82
N MET C 50 -12.23 11.38 -11.80
CA MET C 50 -11.77 11.34 -13.18
C MET C 50 -12.07 12.60 -13.99
N SER C 51 -12.73 13.60 -13.39
CA SER C 51 -13.22 14.75 -14.12
C SER C 51 -12.12 15.68 -14.58
N GLY C 52 -10.97 15.65 -13.90
CA GLY C 52 -9.88 16.60 -14.08
C GLY C 52 -9.76 17.62 -12.99
N ARG C 53 -10.73 17.67 -12.08
CA ARG C 53 -10.71 18.56 -10.93
C ARG C 53 -9.75 18.10 -9.85
N PHE C 54 -9.35 16.82 -9.88
CA PHE C 54 -8.63 16.17 -8.79
C PHE C 54 -7.37 15.46 -9.27
N PRO C 55 -6.46 16.17 -9.92
CA PRO C 55 -5.33 15.48 -10.57
C PRO C 55 -4.43 14.74 -9.59
N SER C 56 -4.41 15.16 -8.33
CA SER C 56 -3.55 14.56 -7.31
C SER C 56 -4.33 13.80 -6.25
N ASP C 57 -5.65 13.69 -6.36
CA ASP C 57 -6.49 13.16 -5.29
C ASP C 57 -7.27 11.92 -5.73
N TRP C 58 -6.68 11.09 -6.59
CA TRP C 58 -7.31 9.82 -6.92
C TRP C 58 -7.26 8.87 -5.72
N TYR C 59 -8.28 8.04 -5.61
CA TYR C 59 -8.34 7.06 -4.53
C TYR C 59 -7.49 5.85 -4.89
N THR C 60 -6.63 5.44 -3.95
CA THR C 60 -5.63 4.40 -4.18
C THR C 60 -5.48 3.51 -2.95
N PRO C 61 -6.56 2.85 -2.53
CA PRO C 61 -6.42 1.94 -1.38
C PRO C 61 -5.48 0.79 -1.72
N THR C 62 -4.66 0.42 -0.75
CA THR C 62 -3.79 -0.74 -0.89
C THR C 62 -3.97 -1.73 0.23
N THR C 63 -4.93 -1.50 1.11
CA THR C 63 -5.18 -2.35 2.28
C THR C 63 -6.20 -3.44 1.94
N LYS C 64 -6.22 -4.48 2.76
CA LYS C 64 -7.18 -5.57 2.61
C LYS C 64 -8.62 -5.09 2.75
N TYR C 65 -8.88 -4.17 3.70
CA TYR C 65 -10.22 -3.73 4.05
C TYR C 65 -10.46 -2.27 3.69
N ARG C 66 -11.72 -1.95 3.41
CA ARG C 66 -12.14 -0.57 3.12
C ARG C 66 -13.50 -0.29 3.75
N ILE C 67 -13.73 0.98 4.10
CA ILE C 67 -15.05 1.49 4.41
C ILE C 67 -15.31 2.69 3.51
N LEU C 68 -16.40 2.63 2.74
CA LEU C 68 -16.77 3.70 1.82
C LEU C 68 -17.89 4.53 2.41
N TYR C 69 -17.75 5.85 2.35
CA TYR C 69 -18.83 6.77 2.70
C TYR C 69 -18.77 7.91 1.67
N LEU C 70 -19.20 7.61 0.44
CA LEU C 70 -19.13 8.61 -0.63
C LEU C 70 -20.10 8.25 -1.75
N GLY C 71 -20.37 9.25 -2.58
CA GLY C 71 -21.29 9.08 -3.69
C GLY C 71 -22.11 10.31 -4.01
N THR C 72 -22.48 11.10 -2.99
CA THR C 72 -23.29 12.27 -3.24
C THR C 72 -22.68 13.16 -4.34
N ASN C 73 -21.36 13.34 -4.35
CA ASN C 73 -20.77 14.22 -5.37
C ASN C 73 -20.85 13.60 -6.75
N ASP C 74 -20.88 12.26 -6.83
CA ASP C 74 -20.96 11.60 -8.13
C ASP C 74 -22.30 11.83 -8.80
N CYS C 75 -23.30 12.32 -8.07
CA CYS C 75 -24.56 12.64 -8.72
C CYS C 75 -24.51 13.90 -9.57
N THR C 76 -23.42 14.66 -9.59
CA THR C 76 -23.34 15.73 -10.57
C THR C 76 -22.88 15.28 -11.95
N ASP C 77 -22.36 14.06 -12.10
CA ASP C 77 -22.22 13.49 -13.44
C ASP C 77 -23.61 13.25 -13.99
N GLY C 78 -23.78 13.53 -15.29
CA GLY C 78 -25.07 13.44 -15.92
C GLY C 78 -24.98 13.05 -17.39
N PRO C 79 -26.01 13.36 -18.17
CA PRO C 79 -26.01 12.91 -19.57
C PRO C 79 -24.77 13.29 -20.37
N THR C 80 -24.17 14.47 -20.12
CA THR C 80 -23.01 14.89 -20.88
C THR C 80 -21.77 14.09 -20.51
N ASP C 81 -21.81 13.34 -19.41
CA ASP C 81 -20.70 12.49 -19.04
C ASP C 81 -20.79 11.09 -19.62
N MET C 82 -21.85 10.78 -20.36
CA MET C 82 -21.94 9.48 -21.03
C MET C 82 -22.46 9.68 -22.46
N ILE C 83 -22.09 10.80 -23.09
CA ILE C 83 -22.65 11.16 -24.39
C ILE C 83 -21.77 10.74 -25.56
N ILE C 84 -20.47 10.56 -25.35
CA ILE C 84 -19.64 10.09 -26.49
C ILE C 84 -20.17 8.74 -26.95
N PRO C 85 -20.44 8.54 -28.24
CA PRO C 85 -20.96 7.24 -28.68
C PRO C 85 -20.04 6.10 -28.25
N THR C 86 -20.64 5.02 -27.77
CA THR C 86 -20.06 3.77 -27.24
C THR C 86 -19.60 3.92 -25.79
N SER C 87 -19.77 5.08 -25.16
CA SER C 87 -19.46 5.25 -23.74
CA SER C 87 -19.40 5.19 -23.76
C SER C 87 -20.27 4.27 -22.91
N MET C 88 -19.71 3.89 -21.77
CA MET C 88 -20.47 3.18 -20.77
C MET C 88 -21.58 4.07 -20.26
N THR C 89 -22.67 3.47 -19.78
CA THR C 89 -23.65 4.24 -19.02
C THR C 89 -23.08 4.61 -17.66
N LEU C 90 -23.60 5.69 -17.06
CA LEU C 90 -23.14 6.04 -15.72
C LEU C 90 -23.50 4.95 -14.73
N ASP C 91 -24.67 4.32 -14.93
CA ASP C 91 -25.05 3.20 -14.07
C ASP C 91 -23.96 2.12 -14.07
N ASN C 92 -23.50 1.73 -15.26
CA ASN C 92 -22.52 0.65 -15.35
C ASN C 92 -21.12 1.11 -14.92
N ALA C 93 -20.74 2.34 -15.26
CA ALA C 93 -19.45 2.86 -14.83
C ALA C 93 -19.37 2.94 -13.30
N ALA C 94 -20.41 3.48 -12.68
CA ALA C 94 -20.43 3.59 -11.22
C ALA C 94 -20.35 2.22 -10.57
N ARG C 95 -21.08 1.25 -11.12
CA ARG C 95 -21.07 -0.09 -10.54
C ARG C 95 -19.67 -0.68 -10.56
N GLU C 96 -18.97 -0.57 -11.68
CA GLU C 96 -17.61 -1.09 -11.75
C GLU C 96 -16.68 -0.36 -10.78
N LEU C 97 -16.86 0.97 -10.67
CA LEU C 97 -15.98 1.75 -9.81
C LEU C 97 -16.24 1.48 -8.35
N TYR C 98 -17.51 1.39 -7.95
CA TYR C 98 -17.80 1.14 -6.53
C TYR C 98 -17.43 -0.29 -6.16
N LEU C 99 -17.67 -1.26 -7.04
CA LEU C 99 -17.15 -2.61 -6.80
C LEU C 99 -15.64 -2.62 -6.69
N GLY C 100 -14.96 -1.84 -7.53
CA GLY C 100 -13.51 -1.80 -7.50
C GLY C 100 -12.95 -1.22 -6.23
N ALA C 101 -13.49 -0.08 -5.77
CA ALA C 101 -13.01 0.51 -4.52
C ALA C 101 -13.30 -0.39 -3.33
N CYS C 102 -14.44 -1.08 -3.37
CA CYS C 102 -14.89 -1.95 -2.29
C CYS C 102 -14.07 -3.24 -2.22
N ARG C 103 -13.97 -3.94 -3.33
CA ARG C 103 -13.42 -5.30 -3.35
C ARG C 103 -12.09 -5.40 -4.07
N GLY C 104 -11.69 -4.37 -4.81
CA GLY C 104 -10.69 -4.54 -5.84
C GLY C 104 -9.26 -4.43 -5.32
N ASP C 105 -8.39 -5.13 -6.03
CA ASP C 105 -6.95 -4.86 -6.07
C ASP C 105 -6.77 -3.82 -7.15
N VAL C 106 -6.62 -2.56 -6.74
CA VAL C 106 -6.74 -1.45 -7.67
C VAL C 106 -5.41 -0.70 -7.78
N ARG C 107 -5.26 0.00 -8.91
CA ARG C 107 -4.13 0.92 -9.11
C ARG C 107 -4.67 2.11 -9.91
N VAL C 108 -3.94 3.22 -9.89
CA VAL C 108 -4.24 4.35 -10.77
C VAL C 108 -3.00 4.61 -11.62
N THR C 109 -3.13 4.47 -12.95
CA THR C 109 -1.99 4.51 -13.85
C THR C 109 -2.30 5.36 -15.07
N PRO C 110 -1.27 5.82 -15.77
CA PRO C 110 -1.53 6.62 -16.98
C PRO C 110 -2.17 5.80 -18.07
N THR C 111 -3.09 6.43 -18.79
CA THR C 111 -3.80 5.78 -19.89
C THR C 111 -3.04 6.01 -21.18
N PHE C 112 -2.82 4.94 -21.95
CA PHE C 112 -2.19 5.11 -23.25
C PHE C 112 -3.05 5.99 -24.16
N VAL C 113 -2.39 6.92 -24.85
CA VAL C 113 -3.01 7.68 -25.94
C VAL C 113 -1.97 7.86 -27.04
N GLY C 114 -2.42 7.72 -28.29
CA GLY C 114 -1.56 7.86 -29.44
C GLY C 114 -2.37 8.25 -30.66
N ALA C 115 -1.69 8.33 -31.82
CA ALA C 115 -2.33 8.82 -33.03
C ALA C 115 -1.43 8.56 -34.23
N ALA C 116 -2.03 8.71 -35.42
CA ALA C 116 -1.27 8.52 -36.64
C ALA C 116 -0.36 9.68 -36.98
N ILE C 117 -0.54 10.84 -36.35
CA ILE C 117 0.37 11.97 -36.53
C ILE C 117 0.73 12.53 -35.15
N VAL C 118 1.78 13.35 -35.13
CA VAL C 118 2.20 14.03 -33.91
C VAL C 118 1.27 15.22 -33.67
N GLY C 119 0.66 15.24 -32.48
CA GLY C 119 -0.10 16.37 -32.01
C GLY C 119 0.66 17.18 -30.96
N LEU C 120 -0.07 18.05 -30.28
CA LEU C 120 0.51 18.92 -29.26
C LEU C 120 -0.09 18.59 -27.91
N VAL C 121 0.77 18.56 -26.88
CA VAL C 121 0.39 18.34 -25.49
C VAL C 121 0.34 19.69 -24.80
N GLY C 122 -0.79 20.01 -24.18
CA GLY C 122 -0.88 21.28 -23.48
C GLY C 122 -1.97 21.19 -22.42
N ARG C 123 -2.35 22.35 -21.87
CA ARG C 123 -3.47 22.40 -20.94
C ARG C 123 -4.39 23.54 -21.31
N THR C 124 -5.69 23.30 -21.18
CA THR C 124 -6.69 24.27 -21.59
C THR C 124 -7.97 23.99 -20.84
N ASP C 125 -8.80 25.03 -20.76
CA ASP C 125 -10.15 24.89 -20.23
C ASP C 125 -11.19 24.73 -21.33
N ALA C 126 -10.77 24.59 -22.58
CA ALA C 126 -11.71 24.60 -23.69
C ALA C 126 -12.51 23.30 -23.81
N VAL C 127 -12.04 22.20 -23.21
CA VAL C 127 -12.71 20.91 -23.39
C VAL C 127 -13.78 20.69 -22.34
N THR C 128 -13.45 20.94 -21.08
CA THR C 128 -14.35 20.67 -19.95
C THR C 128 -14.86 21.96 -19.30
N GLY C 129 -14.32 23.10 -19.65
CA GLY C 129 -14.65 24.33 -18.98
C GLY C 129 -13.69 24.71 -17.87
N PHE C 130 -12.79 23.79 -17.49
CA PHE C 130 -11.75 24.07 -16.51
C PHE C 130 -10.44 23.46 -17.01
N SER C 131 -9.32 24.00 -16.52
CA SER C 131 -7.99 23.61 -17.00
C SER C 131 -7.68 22.14 -16.74
N VAL C 132 -7.36 21.39 -17.81
CA VAL C 132 -6.90 20.01 -17.76
C VAL C 132 -5.84 19.76 -18.84
N LYS C 133 -5.15 18.63 -18.70
CA LYS C 133 -4.24 18.15 -19.74
C LYS C 133 -5.01 17.74 -21.01
N VAL C 134 -4.57 18.23 -22.16
CA VAL C 134 -5.21 17.87 -23.44
C VAL C 134 -4.16 17.58 -24.51
N LEU C 135 -4.59 16.80 -25.49
CA LEU C 135 -3.86 16.66 -26.75
C LEU C 135 -4.66 17.39 -27.81
N THR C 136 -3.96 18.14 -28.67
CA THR C 136 -4.61 18.89 -29.74
C THR C 136 -4.18 18.29 -31.08
N PHE C 137 -5.16 17.95 -31.90
CA PHE C 137 -4.93 17.44 -33.24
C PHE C 137 -5.60 18.40 -34.20
N SER C 138 -4.83 19.28 -34.82
CA SER C 138 -5.41 20.28 -35.70
CA SER C 138 -5.41 20.29 -35.70
C SER C 138 -5.65 19.78 -37.12
N SER C 139 -5.18 18.58 -37.47
CA SER C 139 -5.52 17.97 -38.75
CA SER C 139 -5.53 17.97 -38.74
C SER C 139 -6.23 16.64 -38.51
N PRO C 140 -7.23 16.28 -39.31
CA PRO C 140 -7.98 15.04 -39.04
C PRO C 140 -7.07 13.81 -39.09
N THR C 141 -7.14 12.96 -38.06
CA THR C 141 -6.26 11.82 -37.94
C THR C 141 -6.95 10.69 -37.17
N ILE C 142 -6.24 9.56 -37.04
CA ILE C 142 -6.70 8.47 -36.20
C ILE C 142 -6.13 8.66 -34.81
N VAL C 143 -7.00 8.64 -33.80
CA VAL C 143 -6.60 8.75 -32.39
C VAL C 143 -6.96 7.46 -31.69
N VAL C 144 -6.02 6.91 -30.93
CA VAL C 144 -6.22 5.67 -30.22
C VAL C 144 -5.97 5.88 -28.72
N VAL C 145 -6.80 5.24 -27.91
CA VAL C 145 -6.78 5.35 -26.46
C VAL C 145 -6.93 3.96 -25.85
N GLY C 146 -6.16 3.68 -24.79
CA GLY C 146 -6.25 2.39 -24.11
C GLY C 146 -5.61 1.27 -24.90
N LEU C 147 -5.60 0.08 -24.28
CA LEU C 147 -4.95 -1.08 -24.90
C LEU C 147 -5.77 -2.35 -24.69
N ASN C 148 -5.81 -3.19 -25.72
CA ASN C 148 -6.47 -4.48 -25.62
CA ASN C 148 -6.44 -4.51 -25.64
C ASN C 148 -5.97 -5.23 -24.38
N GLY C 149 -6.90 -5.84 -23.65
CA GLY C 149 -6.54 -6.57 -22.45
C GLY C 149 -6.53 -5.76 -21.17
N MET C 150 -6.75 -4.46 -21.26
CA MET C 150 -6.77 -3.65 -20.06
C MET C 150 -7.94 -4.04 -19.17
N SER C 151 -7.79 -3.71 -17.90
CA SER C 151 -8.79 -4.03 -16.88
C SER C 151 -8.93 -2.81 -15.98
N GLY C 152 -9.84 -1.92 -16.36
CA GLY C 152 -10.04 -0.68 -15.60
C GLY C 152 -10.92 0.27 -16.37
N ILE C 153 -11.16 1.42 -15.75
CA ILE C 153 -12.05 2.44 -16.29
C ILE C 153 -11.28 3.75 -16.42
N TYR C 154 -11.50 4.45 -17.52
CA TYR C 154 -10.98 5.80 -17.72
C TYR C 154 -12.08 6.67 -18.33
N LYS C 155 -11.90 7.99 -18.22
CA LYS C 155 -12.82 8.98 -18.75
C LYS C 155 -12.16 9.73 -19.92
N VAL C 156 -12.96 10.00 -20.95
CA VAL C 156 -12.54 10.80 -22.11
C VAL C 156 -13.49 11.97 -22.26
N CYS C 157 -12.93 13.14 -22.56
CA CYS C 157 -13.74 14.30 -22.91
C CYS C 157 -13.17 14.90 -24.19
N ILE C 158 -14.05 15.29 -25.10
CA ILE C 158 -13.61 15.82 -26.39
C ILE C 158 -14.27 17.15 -26.70
N ALA C 159 -13.53 17.97 -27.45
CA ALA C 159 -14.03 19.14 -28.16
C ALA C 159 -13.54 18.97 -29.59
N ALA C 160 -14.36 18.32 -30.42
CA ALA C 160 -13.96 17.96 -31.77
C ALA C 160 -14.76 18.73 -32.81
N THR C 161 -14.11 19.04 -33.93
CA THR C 161 -14.80 19.58 -35.08
C THR C 161 -15.06 18.53 -36.16
N SER C 162 -14.41 17.37 -36.05
CA SER C 162 -14.77 16.22 -36.87
C SER C 162 -14.32 14.96 -36.15
N GLY C 163 -14.91 13.85 -36.54
CA GLY C 163 -14.49 12.55 -36.06
C GLY C 163 -15.66 11.62 -35.87
N ASN C 164 -15.36 10.32 -35.86
CA ASN C 164 -16.37 9.28 -35.71
C ASN C 164 -15.74 8.12 -34.97
N VAL C 165 -16.59 7.27 -34.39
CA VAL C 165 -16.16 6.02 -33.80
C VAL C 165 -16.88 4.90 -34.52
N GLY C 166 -16.13 4.09 -35.27
CA GLY C 166 -16.73 3.03 -36.08
C GLY C 166 -17.77 3.53 -37.07
N GLY C 167 -17.59 4.74 -37.56
CA GLY C 167 -18.55 5.33 -38.49
C GLY C 167 -19.65 6.14 -37.83
N VAL C 168 -19.78 6.09 -36.51
CA VAL C 168 -20.79 6.86 -35.79
C VAL C 168 -20.18 8.22 -35.47
N LYS C 169 -20.85 9.28 -35.92
CA LYS C 169 -20.31 10.62 -35.71
C LYS C 169 -20.19 10.91 -34.21
N LEU C 170 -19.06 11.47 -33.82
CA LEU C 170 -18.82 11.81 -32.43
C LEU C 170 -19.76 12.93 -31.99
N ILE C 171 -20.05 12.95 -30.69
CA ILE C 171 -20.82 14.01 -30.04
C ILE C 171 -19.91 14.61 -28.96
N ASN C 172 -19.80 15.93 -28.92
CA ASN C 172 -18.91 16.55 -27.93
C ASN C 172 -19.48 16.40 -26.53
N GLY C 173 -18.58 16.20 -25.59
CA GLY C 173 -18.88 15.86 -24.20
C GLY C 173 -17.91 14.80 -23.73
N CYS C 174 -18.34 13.96 -22.80
CA CYS C 174 -17.47 12.96 -22.20
C CYS C 174 -18.10 11.57 -22.27
N GLY C 175 -17.26 10.60 -21.92
CA GLY C 175 -17.70 9.23 -21.75
C GLY C 175 -16.72 8.48 -20.88
N TYR C 176 -17.20 7.37 -20.31
CA TYR C 176 -16.38 6.42 -19.57
C TYR C 176 -16.18 5.16 -20.40
N PHE C 177 -14.98 4.60 -20.33
CA PHE C 177 -14.59 3.45 -21.12
C PHE C 177 -13.81 2.43 -20.28
N ASN C 178 -13.99 1.15 -20.59
CA ASN C 178 -13.22 0.08 -19.97
C ASN C 178 -12.62 -0.85 -21.03
N THR C 179 -12.49 -0.35 -22.23
CA THR C 179 -11.89 -1.04 -23.37
C THR C 179 -11.12 0.00 -24.17
N PRO C 180 -10.22 -0.45 -25.05
CA PRO C 180 -9.58 0.49 -25.97
C PRO C 180 -10.60 1.15 -26.89
N LEU C 181 -10.21 2.32 -27.39
CA LEU C 181 -11.04 3.18 -28.20
C LEU C 181 -10.24 3.60 -29.44
N ARG C 182 -10.94 3.85 -30.55
CA ARG C 182 -10.31 4.42 -31.73
C ARG C 182 -11.26 5.45 -32.33
N PHE C 183 -10.77 6.67 -32.53
CA PHE C 183 -11.52 7.68 -33.25
C PHE C 183 -10.87 7.86 -34.61
N ASP C 184 -11.72 7.89 -35.64
CA ASP C 184 -11.30 8.16 -37.01
C ASP C 184 -11.68 9.58 -37.42
N ASN C 185 -10.87 10.16 -38.31
CA ASN C 185 -11.14 11.48 -38.87
C ASN C 185 -11.25 12.54 -37.78
N PHE C 186 -10.49 12.38 -36.69
CA PHE C 186 -10.63 13.22 -35.52
C PHE C 186 -9.82 14.50 -35.67
N GLN C 187 -10.48 15.62 -35.45
CA GLN C 187 -9.83 16.93 -35.37
C GLN C 187 -10.38 17.65 -34.17
N GLY C 188 -9.48 18.16 -33.32
CA GLY C 188 -9.91 18.88 -32.15
C GLY C 188 -9.05 18.54 -30.94
N GLN C 189 -9.64 18.64 -29.75
CA GLN C 189 -8.92 18.45 -28.50
C GLN C 189 -9.52 17.30 -27.70
N ILE C 190 -8.66 16.55 -27.02
CA ILE C 190 -9.08 15.38 -26.26
C ILE C 190 -8.36 15.35 -24.89
N TYR C 191 -9.17 15.19 -23.86
CA TYR C 191 -8.73 14.89 -22.50
C TYR C 191 -8.92 13.42 -22.22
N VAL C 192 -7.90 12.76 -21.68
CA VAL C 192 -8.00 11.37 -21.26
C VAL C 192 -7.53 11.26 -19.81
N SER C 193 -8.39 10.75 -18.94
CA SER C 193 -8.00 10.60 -17.55
C SER C 193 -7.06 9.41 -17.36
N ASP C 194 -6.45 9.35 -16.18
CA ASP C 194 -5.78 8.15 -15.76
C ASP C 194 -6.79 7.00 -15.69
N THR C 195 -6.28 5.77 -15.66
CA THR C 195 -7.12 4.58 -15.54
C THR C 195 -7.21 4.13 -14.08
N PHE C 196 -8.43 3.89 -13.62
CA PHE C 196 -8.68 3.22 -12.33
C PHE C 196 -8.69 1.73 -12.65
N GLU C 197 -7.54 1.09 -12.46
CA GLU C 197 -7.40 -0.34 -12.70
C GLU C 197 -8.09 -1.14 -11.62
N VAL C 198 -8.86 -2.14 -12.04
CA VAL C 198 -9.48 -3.08 -11.14
C VAL C 198 -9.10 -4.47 -11.61
N ARG C 199 -8.32 -5.17 -10.81
CA ARG C 199 -7.80 -6.49 -11.18
C ARG C 199 -8.58 -7.56 -10.41
N GLY C 200 -7.96 -8.27 -9.48
CA GLY C 200 -8.71 -9.19 -8.64
C GLY C 200 -9.65 -8.44 -7.73
N THR C 201 -10.61 -9.17 -7.16
CA THR C 201 -11.64 -8.54 -6.34
C THR C 201 -11.92 -9.33 -5.05
N LYS C 202 -10.85 -9.68 -4.30
CA LYS C 202 -10.99 -10.42 -3.05
C LYS C 202 -10.63 -9.59 -1.81
N ASN C 203 -10.49 -8.27 -1.95
CA ASN C 203 -10.49 -7.40 -0.78
C ASN C 203 -11.93 -7.18 -0.32
N LYS C 204 -12.11 -6.54 0.85
CA LYS C 204 -13.42 -6.50 1.50
C LYS C 204 -13.77 -5.10 2.00
N CYS C 205 -15.07 -4.76 1.93
CA CYS C 205 -15.49 -3.45 2.41
C CYS C 205 -16.88 -3.50 3.05
N VAL C 206 -17.19 -2.37 3.72
CA VAL C 206 -18.56 -1.92 4.00
C VAL C 206 -18.79 -0.69 3.13
N LEU C 207 -19.98 -0.60 2.52
CA LEU C 207 -20.39 0.55 1.70
C LEU C 207 -21.52 1.26 2.42
N LEU C 208 -21.19 2.37 3.06
CA LEU C 208 -22.15 3.15 3.83
C LEU C 208 -22.88 4.11 2.92
N ARG C 209 -24.22 4.15 3.00
CA ARG C 209 -24.98 5.07 2.19
C ARG C 209 -24.47 6.51 2.32
N SER C 210 -24.28 7.15 1.17
CA SER C 210 -23.99 8.57 1.05
C SER C 210 -25.25 9.23 0.48
N SER C 211 -25.91 10.07 1.26
CA SER C 211 -27.11 10.75 0.83
C SER C 211 -26.82 12.15 0.32
N SER C 212 -27.66 12.58 -0.62
CA SER C 212 -27.64 13.95 -1.14
C SER C 212 -28.79 14.72 -0.51
N ASP C 213 -28.93 16.00 -0.85
CA ASP C 213 -30.03 16.79 -0.31
C ASP C 213 -31.25 16.74 -1.22
N THR C 214 -31.17 16.01 -2.33
CA THR C 214 -32.30 15.53 -3.11
C THR C 214 -32.13 14.04 -3.31
N PRO C 215 -33.15 13.35 -3.83
CA PRO C 215 -33.00 11.92 -4.04
C PRO C 215 -31.81 11.59 -4.95
N LEU C 216 -31.16 10.48 -4.65
CA LEU C 216 -29.95 10.11 -5.38
C LEU C 216 -30.25 9.88 -6.86
N CYS C 217 -29.27 10.26 -7.68
CA CYS C 217 -29.23 9.88 -9.09
C CYS C 217 -29.23 8.36 -9.20
N SER C 218 -29.61 7.87 -10.39
CA SER C 218 -29.76 6.42 -10.56
C SER C 218 -28.44 5.68 -10.34
N HIS C 219 -27.34 6.25 -10.81
CA HIS C 219 -26.11 5.48 -10.81
C HIS C 219 -25.53 5.31 -9.42
N ILE C 220 -25.88 6.18 -8.46
CA ILE C 220 -25.48 5.99 -7.08
C ILE C 220 -26.57 5.30 -6.26
N MET C 221 -27.84 5.56 -6.59
CA MET C 221 -28.92 4.85 -5.91
CA MET C 221 -28.93 4.84 -5.92
C MET C 221 -28.69 3.35 -5.98
N ARG C 222 -28.22 2.86 -7.13
CA ARG C 222 -28.07 1.44 -7.38
C ARG C 222 -27.03 0.79 -6.49
N ASN C 223 -26.23 1.55 -5.73
CA ASN C 223 -25.30 0.91 -4.80
C ASN C 223 -26.04 0.14 -3.70
N VAL C 224 -27.34 0.39 -3.51
CA VAL C 224 -28.16 -0.40 -2.58
C VAL C 224 -28.20 -1.87 -2.98
N GLU C 225 -27.89 -2.18 -4.23
CA GLU C 225 -27.92 -3.56 -4.69
C GLU C 225 -26.70 -4.36 -4.28
N LEU C 226 -25.66 -3.71 -3.77
CA LEU C 226 -24.44 -4.40 -3.42
C LEU C 226 -24.58 -5.01 -2.03
N ASP C 227 -24.05 -6.22 -1.87
CA ASP C 227 -24.15 -6.92 -0.59
C ASP C 227 -23.60 -6.10 0.56
N GLU C 228 -22.60 -5.25 0.29
CA GLU C 228 -21.91 -4.48 1.30
C GLU C 228 -22.65 -3.22 1.70
N TYR C 229 -23.75 -2.87 1.05
CA TYR C 229 -24.47 -1.64 1.38
C TYR C 229 -25.04 -1.68 2.80
N VAL C 230 -24.86 -0.58 3.52
CA VAL C 230 -25.40 -0.36 4.86
C VAL C 230 -26.03 1.04 4.91
N ASP C 231 -27.28 1.09 5.35
CA ASP C 231 -27.99 2.36 5.42
C ASP C 231 -27.34 3.27 6.47
N THR C 232 -27.38 4.57 6.20
CA THR C 232 -26.99 5.62 7.14
C THR C 232 -28.18 6.56 7.35
N PRO C 233 -28.21 7.31 8.46
CA PRO C 233 -29.40 8.11 8.78
C PRO C 233 -29.81 9.04 7.66
N ASN C 234 -31.11 9.06 7.36
CA ASN C 234 -31.64 9.84 6.26
C ASN C 234 -33.12 10.08 6.51
N THR C 235 -33.69 11.02 5.77
CA THR C 235 -35.11 11.36 5.85
C THR C 235 -35.69 11.12 4.46
N GLY C 236 -36.34 9.97 4.28
CA GLY C 236 -36.87 9.62 2.97
C GLY C 236 -35.81 9.58 1.88
N GLY C 237 -34.60 9.16 2.24
CA GLY C 237 -33.51 9.05 1.30
C GLY C 237 -32.64 10.28 1.20
N VAL C 238 -33.06 11.38 1.81
CA VAL C 238 -32.37 12.67 1.75
C VAL C 238 -31.52 12.85 3.00
N TYR C 239 -30.43 13.59 2.85
CA TYR C 239 -29.56 13.87 3.98
C TYR C 239 -30.36 14.56 5.09
N PRO C 240 -30.12 14.22 6.35
CA PRO C 240 -30.93 14.80 7.45
C PRO C 240 -30.74 16.29 7.59
N SER C 241 -31.74 16.92 8.20
CA SER C 241 -31.75 18.36 8.41
C SER C 241 -31.18 18.78 9.76
N ASP C 242 -30.37 17.93 10.40
CA ASP C 242 -29.85 18.18 11.75
C ASP C 242 -28.36 18.51 11.72
N GLY C 243 -27.88 19.08 10.63
CA GLY C 243 -26.47 19.33 10.46
C GLY C 243 -26.10 20.80 10.38
N PHE C 244 -24.85 21.06 10.02
CA PHE C 244 -24.37 22.44 9.85
C PHE C 244 -25.04 23.11 8.65
N ASP C 245 -25.18 22.40 7.55
CA ASP C 245 -25.93 22.86 6.37
C ASP C 245 -26.66 21.64 5.79
N SER C 246 -27.28 21.83 4.62
CA SER C 246 -28.15 20.79 4.07
C SER C 246 -27.37 19.53 3.67
N LEU C 247 -26.03 19.60 3.67
CA LEU C 247 -25.22 18.51 3.18
C LEU C 247 -24.11 18.04 4.13
N HIS C 248 -23.95 18.65 5.29
CA HIS C 248 -22.78 18.33 6.12
C HIS C 248 -23.10 18.43 7.59
N GLY C 249 -22.41 17.61 8.37
CA GLY C 249 -22.41 17.79 9.82
C GLY C 249 -23.61 17.25 10.55
N SER C 250 -24.37 16.33 9.95
CA SER C 250 -25.57 15.80 10.58
C SER C 250 -25.26 15.23 11.96
N ALA C 251 -26.01 15.67 12.97
CA ALA C 251 -25.78 15.16 14.32
C ALA C 251 -26.03 13.65 14.38
N SER C 252 -27.08 13.20 13.69
CA SER C 252 -27.45 11.79 13.73
C SER C 252 -26.48 10.92 12.94
N VAL C 253 -26.02 11.38 11.77
CA VAL C 253 -25.00 10.62 11.05
C VAL C 253 -23.73 10.52 11.89
N ARG C 254 -23.31 11.64 12.49
CA ARG C 254 -22.12 11.64 13.34
C ARG C 254 -22.21 10.57 14.43
N THR C 255 -23.34 10.53 15.14
CA THR C 255 -23.49 9.58 16.22
C THR C 255 -23.45 8.15 15.69
N PHE C 256 -24.09 7.91 14.55
CA PHE C 256 -24.08 6.59 13.92
C PHE C 256 -22.66 6.13 13.65
N LEU C 257 -21.87 7.00 13.01
CA LEU C 257 -20.50 6.65 12.64
C LEU C 257 -19.61 6.52 13.86
N THR C 258 -19.69 7.48 14.78
CA THR C 258 -18.84 7.42 15.96
C THR C 258 -19.13 6.16 16.77
N ASP C 259 -20.41 5.85 16.98
CA ASP C 259 -20.75 4.66 17.74
C ASP C 259 -20.17 3.41 17.07
N ALA C 260 -20.32 3.29 15.76
CA ALA C 260 -19.87 2.10 15.06
C ALA C 260 -18.36 1.96 15.05
N LEU C 261 -17.64 3.06 15.23
CA LEU C 261 -16.19 3.04 15.18
C LEU C 261 -15.54 2.95 16.56
N THR C 262 -16.34 2.95 17.62
CA THR C 262 -15.80 2.94 18.98
C THR C 262 -16.36 1.77 19.78
N CYS C 263 -16.74 0.68 19.12
CA CYS C 263 -17.10 -0.52 19.86
C CYS C 263 -15.91 -0.90 20.72
N PRO C 264 -16.09 -1.13 22.02
CA PRO C 264 -14.93 -1.38 22.89
C PRO C 264 -14.39 -2.80 22.77
N ASP C 265 -13.06 -2.90 22.75
CA ASP C 265 -12.34 -4.15 22.96
C ASP C 265 -12.64 -5.19 21.89
N ILE C 266 -12.71 -4.77 20.63
CA ILE C 266 -12.85 -5.70 19.50
C ILE C 266 -11.46 -6.10 19.04
N ASP C 267 -11.23 -7.40 18.91
CA ASP C 267 -9.95 -7.90 18.40
C ASP C 267 -10.09 -8.08 16.88
N TRP C 268 -9.90 -6.99 16.15
CA TRP C 268 -10.06 -7.05 14.70
C TRP C 268 -9.12 -8.04 14.06
N SER C 269 -8.00 -8.37 14.70
CA SER C 269 -7.04 -9.30 14.13
C SER C 269 -7.62 -10.69 13.97
N ARG C 270 -8.71 -11.01 14.67
CA ARG C 270 -9.27 -12.36 14.64
C ARG C 270 -10.53 -12.48 13.78
N ILE C 271 -10.89 -11.46 13.00
CA ILE C 271 -12.03 -11.58 12.09
C ILE C 271 -11.64 -11.05 10.71
N ASP C 272 -11.93 -11.86 9.67
CA ASP C 272 -11.64 -11.48 8.28
C ASP C 272 -12.88 -10.78 7.71
N ALA C 273 -13.08 -9.52 8.13
CA ALA C 273 -14.27 -8.77 7.74
C ALA C 273 -14.07 -7.30 8.07
N ALA C 274 -14.77 -6.45 7.34
CA ALA C 274 -14.74 -5.01 7.56
C ALA C 274 -15.76 -4.54 8.58
N SER C 275 -16.59 -5.44 9.11
CA SER C 275 -17.56 -5.12 10.16
C SER C 275 -18.01 -6.40 10.83
N CYS C 276 -18.68 -6.24 11.98
CA CYS C 276 -19.34 -7.34 12.67
C CYS C 276 -20.40 -6.76 13.59
N GLU C 277 -21.39 -7.58 13.94
CA GLU C 277 -22.35 -7.20 14.96
C GLU C 277 -21.71 -7.42 16.33
N TYR C 278 -21.92 -6.46 17.23
CA TYR C 278 -21.12 -6.39 18.45
C TYR C 278 -21.07 -7.73 19.19
N ASP C 279 -22.24 -8.35 19.41
CA ASP C 279 -22.24 -9.55 20.23
C ASP C 279 -21.45 -10.67 19.57
N SER C 280 -21.37 -10.68 18.26
CA SER C 280 -20.63 -11.70 17.52
C SER C 280 -19.18 -11.34 17.28
N CYS C 281 -18.80 -10.08 17.47
CA CYS C 281 -17.43 -9.69 17.22
C CYS C 281 -16.50 -10.45 18.17
N PRO C 282 -15.30 -10.80 17.73
CA PRO C 282 -14.30 -11.32 18.66
C PRO C 282 -13.83 -10.21 19.60
N LYS C 283 -13.69 -10.56 20.87
CA LYS C 283 -13.31 -9.59 21.90
C LYS C 283 -11.86 -9.76 22.30
N MET C 284 -11.21 -8.65 22.64
CA MET C 284 -9.84 -8.70 23.11
C MET C 284 -9.77 -9.56 24.35
N VAL C 285 -8.73 -10.38 24.44
CA VAL C 285 -8.48 -11.10 25.68
C VAL C 285 -7.76 -10.15 26.62
N LYS C 286 -8.18 -10.15 27.88
CA LYS C 286 -7.61 -9.31 28.93
C LYS C 286 -6.95 -10.21 29.97
N ASP C 287 -6.03 -9.63 30.74
CA ASP C 287 -5.47 -10.39 31.85
C ASP C 287 -6.61 -10.75 32.79
N PHE C 288 -6.63 -12.00 33.25
CA PHE C 288 -7.69 -12.43 34.13
C PHE C 288 -7.53 -11.80 35.51
N ASP C 289 -8.63 -11.28 36.06
CA ASP C 289 -8.63 -10.68 37.37
C ASP C 289 -9.14 -11.71 38.36
N GLN C 290 -8.25 -12.22 39.20
CA GLN C 290 -8.55 -13.29 40.13
C GLN C 290 -8.96 -12.78 41.50
N THR C 291 -9.26 -11.48 41.62
CA THR C 291 -9.47 -10.90 42.94
C THR C 291 -10.70 -11.48 43.62
N SER C 292 -11.79 -11.67 42.89
CA SER C 292 -13.00 -12.22 43.52
C SER C 292 -12.82 -13.67 43.91
N LEU C 293 -12.14 -14.45 43.06
CA LEU C 293 -11.87 -15.84 43.42
C LEU C 293 -10.94 -15.92 44.62
N GLY C 294 -9.99 -15.00 44.73
CA GLY C 294 -9.09 -15.00 45.88
C GLY C 294 -9.80 -14.60 47.16
N ASN C 295 -10.73 -13.65 47.06
CA ASN C 295 -11.52 -13.26 48.22
C ASN C 295 -12.37 -14.42 48.70
N THR C 296 -12.94 -15.19 47.78
CA THR C 296 -13.72 -16.36 48.16
C THR C 296 -12.87 -17.35 48.94
N ASP C 297 -11.64 -17.59 48.47
CA ASP C 297 -10.74 -18.46 49.21
C ASP C 297 -10.52 -17.96 50.63
N THR C 298 -10.28 -16.65 50.78
CA THR C 298 -9.97 -16.11 52.10
C THR C 298 -11.15 -16.28 53.05
N LEU C 299 -12.38 -16.10 52.56
CA LEU C 299 -13.54 -16.31 53.42
C LEU C 299 -13.63 -17.77 53.87
N ILE C 300 -13.50 -18.70 52.93
CA ILE C 300 -13.46 -20.11 53.30
C ILE C 300 -12.40 -20.35 54.35
N MET C 301 -11.18 -19.84 54.10
CA MET C 301 -10.06 -20.06 55.02
C MET C 301 -10.34 -19.54 56.41
N ARG C 302 -10.88 -18.32 56.53
CA ARG C 302 -11.26 -17.81 57.85
C ARG C 302 -12.18 -18.79 58.58
N GLU C 303 -13.18 -19.33 57.88
CA GLU C 303 -14.14 -20.23 58.51
C GLU C 303 -13.50 -21.56 58.91
N VAL C 304 -12.62 -22.09 58.06
CA VAL C 304 -11.99 -23.38 58.35
C VAL C 304 -11.07 -23.27 59.55
N ALA C 305 -10.40 -22.12 59.72
CA ALA C 305 -9.59 -21.89 60.91
C ALA C 305 -10.46 -21.97 62.16
N LEU C 306 -11.66 -21.39 62.11
CA LEU C 306 -12.56 -21.47 63.25
C LEU C 306 -12.93 -22.91 63.57
N HIS C 307 -13.26 -23.68 62.54
CA HIS C 307 -13.59 -25.09 62.73
C HIS C 307 -12.42 -25.86 63.33
N LYS C 308 -11.20 -25.54 62.91
CA LYS C 308 -10.04 -26.16 63.52
C LYS C 308 -10.00 -25.89 65.02
N GLU C 309 -10.25 -24.64 65.42
CA GLU C 309 -10.25 -24.31 66.85
C GLU C 309 -11.36 -25.06 67.58
N MET C 310 -12.59 -24.96 67.09
CA MET C 310 -13.73 -25.55 67.77
C MET C 310 -13.61 -27.07 67.87
N ILE C 311 -13.00 -27.73 66.86
CA ILE C 311 -12.80 -29.17 66.93
C ILE C 311 -11.83 -29.52 68.04
N SER C 312 -10.65 -28.90 68.04
CA SER C 312 -9.70 -29.10 69.12
C SER C 312 -10.39 -28.91 70.47
N LYS C 313 -11.28 -27.92 70.56
CA LYS C 313 -11.95 -27.62 71.82
C LYS C 313 -12.89 -28.74 72.25
N LEU C 314 -13.62 -29.32 71.28
CA LEU C 314 -14.40 -30.50 71.57
C LEU C 314 -13.52 -31.64 72.09
N GLN C 315 -12.42 -31.94 71.38
CA GLN C 315 -11.53 -33.03 71.79
C GLN C 315 -11.08 -32.88 73.25
N ARG C 316 -10.59 -31.68 73.60
CA ARG C 316 -10.14 -31.46 74.98
C ARG C 316 -11.31 -31.54 75.96
N ASP C 317 -12.43 -30.98 75.54
CA ASP C 317 -13.57 -30.97 76.39
C ASP C 317 -14.09 -32.33 76.64
N ILE C 318 -13.36 -33.33 76.16
CA ILE C 318 -13.76 -34.69 76.44
C ILE C 318 -12.74 -34.97 77.56
N THR C 319 -12.87 -34.23 78.65
CA THR C 319 -12.02 -34.34 79.83
C THR C 319 -12.93 -34.94 80.87
MG MG D . -10.86 -21.32 45.30
MG MG E . 7.57 20.96 19.81
C1 GOL F . 8.31 13.96 -14.62
O1 GOL F . 7.22 13.21 -14.17
C2 GOL F . 8.55 13.74 -16.12
O2 GOL F . 8.60 12.36 -16.46
C3 GOL F . 7.48 14.44 -16.95
O3 GOL F . 7.83 14.38 -18.32
H11 GOL F . 9.20 13.67 -14.07
H12 GOL F . 8.13 15.01 -14.43
HO1 GOL F . 7.13 13.32 -13.20
H2 GOL F . 9.51 14.20 -16.37
HO2 GOL F . 7.74 11.95 -16.28
H31 GOL F . 7.37 15.47 -16.63
H32 GOL F . 6.52 13.93 -16.80
HO3 GOL F . 7.14 14.80 -18.86
C FMT G . 34.52 8.74 4.42
O1 FMT G . 33.95 9.37 3.51
O2 FMT G . 34.06 7.69 4.92
H FMT G . 35.47 9.11 4.83
C FMT H . 36.72 5.30 14.16
O1 FMT H . 37.55 4.81 14.92
O2 FMT H . 36.89 5.33 12.93
H FMT H . 35.80 5.73 14.54
C FMT I . 23.93 9.12 3.93
O1 FMT I . 23.96 9.07 5.18
O2 FMT I . 22.94 8.75 3.29
H FMT I . 24.81 9.49 3.43
C FMT J . 19.94 11.88 -25.69
O1 FMT J . 20.63 11.50 -26.66
O2 FMT J . 18.83 12.41 -25.83
H FMT J . 20.37 11.75 -24.70
C FMT K . 5.16 1.04 -1.40
O1 FMT K . 5.33 1.70 -2.45
O2 FMT K . 4.42 1.36 -0.45
H FMT K . 5.72 0.12 -1.32
MG MG L . 18.64 -23.43 -0.13
C1 GOL M . 22.63 -6.48 -18.29
O1 GOL M . 22.48 -6.09 -16.95
C2 GOL M . 21.95 -5.48 -19.24
O2 GOL M . 21.08 -4.55 -18.59
C3 GOL M . 23.09 -4.77 -19.96
O3 GOL M . 22.59 -3.85 -20.90
H11 GOL M . 22.18 -7.47 -18.42
H12 GOL M . 23.68 -6.55 -18.53
HO1 GOL M . 22.87 -6.78 -16.36
H2 GOL M . 21.39 -6.04 -19.97
HO2 GOL M . 21.60 -4.02 -17.94
H31 GOL M . 23.71 -5.50 -20.48
H32 GOL M . 23.73 -4.24 -19.25
HO3 GOL M . 22.32 -4.33 -21.72
C1 GOL N . 21.37 -5.33 9.28
O1 GOL N . 22.39 -4.92 10.16
C2 GOL N . 21.90 -5.52 7.85
O2 GOL N . 23.30 -5.71 7.83
C3 GOL N . 21.20 -6.72 7.24
O3 GOL N . 19.83 -6.70 7.58
H11 GOL N . 20.58 -4.57 9.27
H12 GOL N . 20.94 -6.26 9.63
HO1 GOL N . 22.00 -4.75 11.04
H2 GOL N . 21.65 -4.63 7.27
HO2 GOL N . 23.52 -6.52 8.33
H31 GOL N . 21.65 -7.64 7.61
H32 GOL N . 21.31 -6.69 6.15
HO3 GOL N . 19.64 -7.39 8.26
C FMT O . -13.45 -28.32 -8.24
O1 FMT O . -13.36 -27.29 -7.59
O2 FMT O . -12.48 -29.04 -8.47
H FMT O . -14.41 -28.65 -8.63
C FMT P . 22.99 -0.86 -38.37
O1 FMT P . 23.27 0.26 -37.91
O2 FMT P . 21.96 -1.08 -39.04
H FMT P . 23.69 -1.67 -38.16
C FMT Q . 18.25 -4.32 -38.45
O1 FMT Q . 19.13 -4.10 -37.60
O2 FMT Q . 17.72 -5.43 -38.57
H FMT Q . 17.91 -3.52 -39.11
C FMT R . 18.86 -2.74 -11.42
O1 FMT R . 19.13 -1.74 -12.11
O2 FMT R . 19.71 -3.59 -11.09
H FMT R . 17.85 -2.88 -11.05
C FMT S . 0.45 -6.73 10.49
O1 FMT S . -0.06 -5.62 10.51
O2 FMT S . 0.85 -7.32 11.58
H FMT S . 0.68 -7.22 9.56
C FMT T . -5.30 0.01 -33.55
O1 FMT T . -4.89 -0.85 -32.77
O2 FMT T . -6.50 0.34 -33.62
H FMT T . -4.56 0.49 -34.18
C FMT U . -2.48 3.60 -34.74
O1 FMT U . -1.73 3.98 -33.84
O2 FMT U . -2.44 4.09 -35.88
H FMT U . -3.18 2.80 -34.50
C FMT V . 19.10 -3.73 -8.35
O1 FMT V . 19.99 -2.89 -8.43
O2 FMT V . 18.20 -3.67 -7.52
H FMT V . 19.13 -4.55 -9.06
C FMT W . -1.55 -20.50 -15.18
O1 FMT W . -1.81 -19.30 -15.02
O2 FMT W . -1.93 -21.41 -14.43
H FMT W . -0.95 -20.81 -16.04
C FMT X . -16.95 12.50 -39.01
O1 FMT X . -16.78 13.71 -38.78
O2 FMT X . -16.03 11.72 -39.26
H FMT X . -17.97 12.09 -39.01
C FMT Y . -24.10 -7.81 -4.90
O1 FMT Y . -23.17 -7.72 -4.11
O2 FMT Y . -24.00 -8.40 -5.98
H FMT Y . -25.05 -7.35 -4.61
C FMT Z . -18.56 15.84 -34.46
O1 FMT Z . -18.04 16.93 -34.20
O2 FMT Z . -17.98 14.99 -35.16
H FMT Z . -19.55 15.63 -34.05
C FMT AA . 0.52 0.10 -7.04
O1 FMT AA . 0.62 1.03 -7.85
O2 FMT AA . 0.24 0.26 -5.84
H FMT AA . 0.67 -0.93 -7.37
C FMT BA . 0.74 13.70 -16.49
O1 FMT BA . 1.19 13.39 -17.60
O2 FMT BA . -0.34 14.28 -16.37
H FMT BA . 1.35 13.46 -15.62
C FMT CA . -3.86 2.42 -18.36
O1 FMT CA . -2.96 1.60 -18.17
O2 FMT CA . -4.86 2.15 -19.01
H FMT CA . -3.75 3.41 -17.89
C FMT DA . -19.06 16.29 -0.23
O1 FMT DA . -17.87 16.45 -0.57
O2 FMT DA . -19.42 16.15 0.96
H FMT DA . -19.80 16.28 -1.03
C FMT EA . -6.34 19.36 -13.64
O1 FMT EA . -5.96 20.41 -14.14
O2 FMT EA . -6.39 18.27 -14.23
H FMT EA . -6.67 19.34 -12.61
C FMT FA . -8.88 21.83 -12.91
O1 FMT FA . -8.82 23.03 -13.18
O2 FMT FA . -8.51 21.38 -11.83
H FMT FA . -9.26 21.12 -13.64
O1 15P GA . -3.04 27.18 -18.25
O1 15P GA . -1.25 28.78 -18.37
C3 15P GA . -2.12 28.01 -18.95
C3 15P GA . -2.26 28.07 -19.06
C4 15P GA . -2.52 28.13 -20.43
C4 15P GA . -2.09 28.27 -20.59
O2 15P GA . -2.31 26.90 -21.12
O2 15P GA . -2.21 27.03 -21.30
C5 15P GA . -1.33 26.93 -22.15
C5 15P GA . -1.19 26.81 -22.26
C6 15P GA . -1.49 25.68 -23.05
C6 15P GA . -1.60 25.65 -23.22
O3 15P GA . -0.22 25.28 -23.57
O3 15P GA . -0.44 24.93 -23.65
C7 15P GA . 0.43 26.26 -24.37
C7 15P GA . 0.50 25.72 -24.36
C8 15P GA . -0.29 26.39 -25.74
C8 15P GA . -0.03 26.00 -25.79
O4 15P GA . -0.32 27.75 -26.16
O4 15P GA . -0.33 27.39 -25.94
H13 15P GA . -2.11 28.88 -18.54
H13 15P GA . -3.13 28.39 -18.79
H23 15P GA . -1.23 27.62 -18.88
H23 15P GA . -2.19 27.12 -18.85
H14 15P GA . -3.45 28.38 -20.49
H14 15P GA . -1.21 28.65 -20.76
H24 15P GA . -1.98 28.83 -20.85
H24 15P GA . -2.77 28.89 -20.90
H15 15P GA . -1.46 27.73 -22.69
H15 15P GA . -1.06 27.61 -22.78
H25 15P GA . -0.44 26.94 -21.76
H25 15P GA . -0.37 26.58 -21.81
H16 15P GA . -1.85 24.95 -22.53
H16 15P GA . -2.20 25.05 -22.76
H26 15P GA . -2.08 25.87 -23.78
H26 15P GA . -2.05 26.02 -23.99
#